data_2EGN
# 
_entry.id   2EGN 
# 
_audit_conform.dict_name       mmcif_pdbx.dic 
_audit_conform.dict_version    5.397 
_audit_conform.dict_location   http://mmcif.pdb.org/dictionaries/ascii/mmcif_pdbx.dic 
# 
loop_
_database_2.database_id 
_database_2.database_code 
_database_2.pdbx_database_accession 
_database_2.pdbx_DOI 
PDB   2EGN         pdb_00002egn 10.2210/pdb2egn/pdb 
RCSB  RCSB026640   ?            ?                   
WWPDB D_1000026640 ?            ?                   
# 
loop_
_pdbx_audit_revision_history.ordinal 
_pdbx_audit_revision_history.data_content_type 
_pdbx_audit_revision_history.major_revision 
_pdbx_audit_revision_history.minor_revision 
_pdbx_audit_revision_history.revision_date 
1 'Structure model' 1 0 2007-05-15 
2 'Structure model' 1 1 2008-04-30 
3 'Structure model' 1 2 2011-07-13 
4 'Structure model' 1 3 2021-11-10 
5 'Structure model' 1 4 2023-10-25 
6 'Structure model' 1 5 2024-10-16 
# 
_pdbx_audit_revision_details.ordinal             1 
_pdbx_audit_revision_details.revision_ordinal    1 
_pdbx_audit_revision_details.data_content_type   'Structure model' 
_pdbx_audit_revision_details.provider            repository 
_pdbx_audit_revision_details.type                'Initial release' 
_pdbx_audit_revision_details.description         ? 
_pdbx_audit_revision_details.details             ? 
# 
loop_
_pdbx_audit_revision_group.ordinal 
_pdbx_audit_revision_group.revision_ordinal 
_pdbx_audit_revision_group.data_content_type 
_pdbx_audit_revision_group.group 
1 2 'Structure model' 'Version format compliance' 
2 3 'Structure model' 'Version format compliance' 
3 4 'Structure model' 'Database references'       
4 4 'Structure model' 'Derived calculations'      
5 5 'Structure model' 'Data collection'           
6 5 'Structure model' 'Refinement description'    
7 6 'Structure model' 'Structure summary'         
# 
loop_
_pdbx_audit_revision_category.ordinal 
_pdbx_audit_revision_category.revision_ordinal 
_pdbx_audit_revision_category.data_content_type 
_pdbx_audit_revision_category.category 
1 4 'Structure model' database_2                    
2 4 'Structure model' struct_conn                   
3 4 'Structure model' struct_ref_seq_dif            
4 5 'Structure model' chem_comp_atom                
5 5 'Structure model' chem_comp_bond                
6 5 'Structure model' pdbx_initial_refinement_model 
7 6 'Structure model' pdbx_entry_details            
8 6 'Structure model' pdbx_modification_feature     
# 
loop_
_pdbx_audit_revision_item.ordinal 
_pdbx_audit_revision_item.revision_ordinal 
_pdbx_audit_revision_item.data_content_type 
_pdbx_audit_revision_item.item 
1 4 'Structure model' '_database_2.pdbx_DOI'                
2 4 'Structure model' '_database_2.pdbx_database_accession' 
3 4 'Structure model' '_struct_conn.pdbx_leaving_atom_flag' 
4 4 'Structure model' '_struct_ref_seq_dif.details'         
# 
_pdbx_database_status.status_code                     REL 
_pdbx_database_status.entry_id                        2EGN 
_pdbx_database_status.recvd_initial_deposition_date   2007-03-01 
_pdbx_database_status.deposit_site                    PDBJ 
_pdbx_database_status.process_site                    PDBJ 
_pdbx_database_status.status_code_sf                  REL 
_pdbx_database_status.status_code_mr                  ? 
_pdbx_database_status.SG_entry                        ? 
_pdbx_database_status.pdb_format_compatible           Y 
_pdbx_database_status.status_code_cs                  ? 
_pdbx_database_status.status_code_nmr_data            ? 
_pdbx_database_status.methods_development_category    ? 
# 
loop_
_pdbx_database_related.db_name 
_pdbx_database_related.db_id 
_pdbx_database_related.details 
_pdbx_database_related.content_type 
PDB 2EGK 'Tamalin PDZ-Intrinsic ligand fusion protein' unspecified 
PDB 2EGO 'Tamalin PDZ domain'                          unspecified 
# 
loop_
_audit_author.name 
_audit_author.pdbx_ordinal 
'Sugi, T.'      1 
'Oyama, T.'     2 
'Muto, T.'      3 
'Nakanishi, S.' 4 
'Morikawa, K.'  5 
'Jingami, H.'   6 
# 
_citation.id                        primary 
_citation.title                     
'Crystal structures of autoinhibitory PDZ domain of Tamalin: implications for metabotropic glutamate receptor trafficking regulation' 
_citation.journal_abbrev            'Embo J.' 
_citation.journal_volume            26 
_citation.page_first                2192 
_citation.page_last                 2205 
_citation.year                      2007 
_citation.journal_id_ASTM           EMJODG 
_citation.country                   UK 
_citation.journal_id_ISSN           0261-4189 
_citation.journal_id_CSD            0897 
_citation.book_publisher            ? 
_citation.pdbx_database_id_PubMed   17396155 
_citation.pdbx_database_id_DOI      10.1038/sj.emboj.7601651 
# 
loop_
_citation_author.citation_id 
_citation_author.name 
_citation_author.ordinal 
_citation_author.identifier_ORCID 
primary 'Sugi, T.'      1 ? 
primary 'Oyama, T.'     2 ? 
primary 'Muto, T.'      3 ? 
primary 'Nakanishi, S.' 4 ? 
primary 'Morikawa, K.'  5 ? 
primary 'Jingami, H.'   6 ? 
# 
loop_
_entity.id 
_entity.type 
_entity.src_method 
_entity.pdbx_description 
_entity.formula_weight 
_entity.pdbx_number_of_molecules 
_entity.pdbx_ec 
_entity.pdbx_mutation 
_entity.pdbx_fragment 
_entity.details 
1 polymer man 'General receptor for phosphoinositides 1-associated scaffold protein' 10643.935 1  ? C135A 'PDZ domain' ? 
2 polymer man 'mGluR5 C-terminal peptide'                                            479.484   1  ? ?     ?            ? 
3 water   nat water                                                                  18.015    10 ? ?     ?            ? 
# 
_entity_name_com.entity_id   1 
_entity_name_com.name        
;GRP1-associated scaffold protein, Tamalin, 95 kDa postsynaptic density protein discs-large ZO-1 domain-containing protein, PSD-95 PDZ domain-containing protein
;
# 
loop_
_entity_poly.entity_id 
_entity_poly.type 
_entity_poly.nstd_linkage 
_entity_poly.nstd_monomer 
_entity_poly.pdbx_seq_one_letter_code 
_entity_poly.pdbx_seq_one_letter_code_can 
_entity_poly.pdbx_strand_id 
_entity_poly.pdbx_target_identifier 
1 'polypeptide(L)' no no 
;GSQQRKVLTLEKGDNQTFGFEIQTYGLHHREEQRVEMVTFVARVHESSPAQLAGLTPGDTIASVNGLNVEGIRHREIVDI
IKASGNVLRLETLYGT
;
;GSQQRKVLTLEKGDNQTFGFEIQTYGLHHREEQRVEMVTFVARVHESSPAQLAGLTPGDTIASVNGLNVEGIRHREIVDI
IKASGNVLRLETLYGT
;
A ? 
2 'polypeptide(L)' no no SSSSL                                                                                               SSSSL 
B ? 
# 
_pdbx_entity_nonpoly.entity_id   3 
_pdbx_entity_nonpoly.name        water 
_pdbx_entity_nonpoly.comp_id     HOH 
# 
loop_
_entity_poly_seq.entity_id 
_entity_poly_seq.num 
_entity_poly_seq.mon_id 
_entity_poly_seq.hetero 
1 1  GLY n 
1 2  SER n 
1 3  GLN n 
1 4  GLN n 
1 5  ARG n 
1 6  LYS n 
1 7  VAL n 
1 8  LEU n 
1 9  THR n 
1 10 LEU n 
1 11 GLU n 
1 12 LYS n 
1 13 GLY n 
1 14 ASP n 
1 15 ASN n 
1 16 GLN n 
1 17 THR n 
1 18 PHE n 
1 19 GLY n 
1 20 PHE n 
1 21 GLU n 
1 22 ILE n 
1 23 GLN n 
1 24 THR n 
1 25 TYR n 
1 26 GLY n 
1 27 LEU n 
1 28 HIS n 
1 29 HIS n 
1 30 ARG n 
1 31 GLU n 
1 32 GLU n 
1 33 GLN n 
1 34 ARG n 
1 35 VAL n 
1 36 GLU n 
1 37 MET n 
1 38 VAL n 
1 39 THR n 
1 40 PHE n 
1 41 VAL n 
1 42 ALA n 
1 43 ARG n 
1 44 VAL n 
1 45 HIS n 
1 46 GLU n 
1 47 SER n 
1 48 SER n 
1 49 PRO n 
1 50 ALA n 
1 51 GLN n 
1 52 LEU n 
1 53 ALA n 
1 54 GLY n 
1 55 LEU n 
1 56 THR n 
1 57 PRO n 
1 58 GLY n 
1 59 ASP n 
1 60 THR n 
1 61 ILE n 
1 62 ALA n 
1 63 SER n 
1 64 VAL n 
1 65 ASN n 
1 66 GLY n 
1 67 LEU n 
1 68 ASN n 
1 69 VAL n 
1 70 GLU n 
1 71 GLY n 
1 72 ILE n 
1 73 ARG n 
1 74 HIS n 
1 75 ARG n 
1 76 GLU n 
1 77 ILE n 
1 78 VAL n 
1 79 ASP n 
1 80 ILE n 
1 81 ILE n 
1 82 LYS n 
1 83 ALA n 
1 84 SER n 
1 85 GLY n 
1 86 ASN n 
1 87 VAL n 
1 88 LEU n 
1 89 ARG n 
1 90 LEU n 
1 91 GLU n 
1 92 THR n 
1 93 LEU n 
1 94 TYR n 
1 95 GLY n 
1 96 THR n 
2 1  SER n 
2 2  SER n 
2 3  SER n 
2 4  SER n 
2 5  LEU n 
# 
loop_
_entity_src_gen.entity_id 
_entity_src_gen.pdbx_src_id 
_entity_src_gen.pdbx_alt_source_flag 
_entity_src_gen.pdbx_seq_type 
_entity_src_gen.pdbx_beg_seq_num 
_entity_src_gen.pdbx_end_seq_num 
_entity_src_gen.gene_src_common_name 
_entity_src_gen.gene_src_genus 
_entity_src_gen.pdbx_gene_src_gene 
_entity_src_gen.gene_src_species 
_entity_src_gen.gene_src_strain 
_entity_src_gen.gene_src_tissue 
_entity_src_gen.gene_src_tissue_fraction 
_entity_src_gen.gene_src_details 
_entity_src_gen.pdbx_gene_src_fragment 
_entity_src_gen.pdbx_gene_src_scientific_name 
_entity_src_gen.pdbx_gene_src_ncbi_taxonomy_id 
_entity_src_gen.pdbx_gene_src_variant 
_entity_src_gen.pdbx_gene_src_cell_line 
_entity_src_gen.pdbx_gene_src_atcc 
_entity_src_gen.pdbx_gene_src_organ 
_entity_src_gen.pdbx_gene_src_organelle 
_entity_src_gen.pdbx_gene_src_cell 
_entity_src_gen.pdbx_gene_src_cellular_location 
_entity_src_gen.host_org_common_name 
_entity_src_gen.pdbx_host_org_scientific_name 
_entity_src_gen.pdbx_host_org_ncbi_taxonomy_id 
_entity_src_gen.host_org_genus 
_entity_src_gen.pdbx_host_org_gene 
_entity_src_gen.pdbx_host_org_organ 
_entity_src_gen.host_org_species 
_entity_src_gen.pdbx_host_org_tissue 
_entity_src_gen.pdbx_host_org_tissue_fraction 
_entity_src_gen.pdbx_host_org_strain 
_entity_src_gen.pdbx_host_org_variant 
_entity_src_gen.pdbx_host_org_cell_line 
_entity_src_gen.pdbx_host_org_atcc 
_entity_src_gen.pdbx_host_org_culture_collection 
_entity_src_gen.pdbx_host_org_cell 
_entity_src_gen.pdbx_host_org_organelle 
_entity_src_gen.pdbx_host_org_cellular_location 
_entity_src_gen.pdbx_host_org_vector_type 
_entity_src_gen.pdbx_host_org_vector 
_entity_src_gen.host_org_details 
_entity_src_gen.expression_system_id 
_entity_src_gen.plasmid_name 
_entity_src_gen.plasmid_details 
_entity_src_gen.pdbx_description 
1 1 sample ? ? ? 'Norway rat' Rattus ? ? ? brain ? ? ? 'Rattus norvegicus' 10116 ? ? ? ? ? ? ? ? 'Escherichia coli BL21' 511693 
Escherichia ? ? 'Escherichia coli' ? ? BL21 ? ? ? ? ? ? ? PLASMID ? ? ? pGEX4T-1 ? ? 
2 1 sample ? ? ? 'Norway rat' Rattus ? ? ? ?     ? ? ? 'Rattus norvegicus' 10116 ? ? ? ? ? ? ? ? 'Escherichia coli BL21' 511693 
Escherichia ? ? 'Escherichia coli' ? ? BL21 ? ? ? ? ? ? ? PLASMID ? ? ? pGEX4T-1 
'the author genetically fused the DNA sequence encoding the mGluR5 C-terminus to the DNA sequence that encodes the PDZ domain.' 
'PDZ domain-mGluR5 gene co-expressed as C-terminus fusion protein in E.coli.' 
# 
loop_
_chem_comp.id 
_chem_comp.type 
_chem_comp.mon_nstd_flag 
_chem_comp.name 
_chem_comp.pdbx_synonyms 
_chem_comp.formula 
_chem_comp.formula_weight 
ALA 'L-peptide linking' y ALANINE         ? 'C3 H7 N O2'     89.093  
ARG 'L-peptide linking' y ARGININE        ? 'C6 H15 N4 O2 1' 175.209 
ASN 'L-peptide linking' y ASPARAGINE      ? 'C4 H8 N2 O3'    132.118 
ASP 'L-peptide linking' y 'ASPARTIC ACID' ? 'C4 H7 N O4'     133.103 
CYS 'L-peptide linking' y CYSTEINE        ? 'C3 H7 N O2 S'   121.158 
GLN 'L-peptide linking' y GLUTAMINE       ? 'C5 H10 N2 O3'   146.144 
GLU 'L-peptide linking' y 'GLUTAMIC ACID' ? 'C5 H9 N O4'     147.129 
GLY 'peptide linking'   y GLYCINE         ? 'C2 H5 N O2'     75.067  
HIS 'L-peptide linking' y HISTIDINE       ? 'C6 H10 N3 O2 1' 156.162 
HOH non-polymer         . WATER           ? 'H2 O'           18.015  
ILE 'L-peptide linking' y ISOLEUCINE      ? 'C6 H13 N O2'    131.173 
LEU 'L-peptide linking' y LEUCINE         ? 'C6 H13 N O2'    131.173 
LYS 'L-peptide linking' y LYSINE          ? 'C6 H15 N2 O2 1' 147.195 
MET 'L-peptide linking' y METHIONINE      ? 'C5 H11 N O2 S'  149.211 
PHE 'L-peptide linking' y PHENYLALANINE   ? 'C9 H11 N O2'    165.189 
PRO 'L-peptide linking' y PROLINE         ? 'C5 H9 N O2'     115.130 
SER 'L-peptide linking' y SERINE          ? 'C3 H7 N O3'     105.093 
THR 'L-peptide linking' y THREONINE       ? 'C4 H9 N O3'     119.119 
TYR 'L-peptide linking' y TYROSINE        ? 'C9 H11 N O3'    181.189 
VAL 'L-peptide linking' y VALINE          ? 'C5 H11 N O2'    117.146 
# 
loop_
_pdbx_poly_seq_scheme.asym_id 
_pdbx_poly_seq_scheme.entity_id 
_pdbx_poly_seq_scheme.seq_id 
_pdbx_poly_seq_scheme.mon_id 
_pdbx_poly_seq_scheme.ndb_seq_num 
_pdbx_poly_seq_scheme.pdb_seq_num 
_pdbx_poly_seq_scheme.auth_seq_num 
_pdbx_poly_seq_scheme.pdb_mon_id 
_pdbx_poly_seq_scheme.auth_mon_id 
_pdbx_poly_seq_scheme.pdb_strand_id 
_pdbx_poly_seq_scheme.pdb_ins_code 
_pdbx_poly_seq_scheme.hetero 
A 1 1  GLY 1  94  ?   ?   ?   A . n 
A 1 2  SER 2  95  ?   ?   ?   A . n 
A 1 3  GLN 3  96  96  GLN GLN A . n 
A 1 4  GLN 4  97  97  GLN GLN A . n 
A 1 5  ARG 5  98  98  ARG ARG A . n 
A 1 6  LYS 6  99  99  LYS LYS A . n 
A 1 7  VAL 7  100 100 VAL VAL A . n 
A 1 8  LEU 8  101 101 LEU LEU A . n 
A 1 9  THR 9  102 102 THR THR A . n 
A 1 10 LEU 10 103 103 LEU LEU A . n 
A 1 11 GLU 11 104 104 GLU GLU A . n 
A 1 12 LYS 12 105 105 LYS LYS A . n 
A 1 13 GLY 13 106 106 GLY GLY A . n 
A 1 14 ASP 14 107 107 ASP ASP A . n 
A 1 15 ASN 15 108 108 ASN ASN A . n 
A 1 16 GLN 16 109 109 GLN GLN A . n 
A 1 17 THR 17 110 110 THR THR A . n 
A 1 18 PHE 18 111 111 PHE PHE A . n 
A 1 19 GLY 19 112 112 GLY GLY A . n 
A 1 20 PHE 20 113 113 PHE PHE A . n 
A 1 21 GLU 21 114 114 GLU GLU A . n 
A 1 22 ILE 22 115 115 ILE ILE A . n 
A 1 23 GLN 23 116 116 GLN GLN A . n 
A 1 24 THR 24 117 117 THR THR A . n 
A 1 25 TYR 25 118 118 TYR TYR A . n 
A 1 26 GLY 26 119 119 GLY GLY A . n 
A 1 27 LEU 27 120 ?   ?   ?   A . n 
A 1 28 HIS 28 121 ?   ?   ?   A . n 
A 1 29 HIS 29 122 ?   ?   ?   A . n 
A 1 30 ARG 30 123 ?   ?   ?   A . n 
A 1 31 GLU 31 124 ?   ?   ?   A . n 
A 1 32 GLU 32 125 ?   ?   ?   A . n 
A 1 33 GLN 33 126 ?   ?   ?   A . n 
A 1 34 ARG 34 127 ?   ?   ?   A . n 
A 1 35 VAL 35 128 ?   ?   ?   A . n 
A 1 36 GLU 36 129 ?   ?   ?   A . n 
A 1 37 MET 37 130 ?   ?   ?   A . n 
A 1 38 VAL 38 131 131 VAL VAL A . n 
A 1 39 THR 39 132 132 THR THR A . n 
A 1 40 PHE 40 133 133 PHE PHE A . n 
A 1 41 VAL 41 134 134 VAL VAL A . n 
A 1 42 ALA 42 135 135 ALA ALA A . n 
A 1 43 ARG 43 136 136 ARG ARG A . n 
A 1 44 VAL 44 137 137 VAL VAL A . n 
A 1 45 HIS 45 138 138 HIS HIS A . n 
A 1 46 GLU 46 139 139 GLU GLU A . n 
A 1 47 SER 47 140 140 SER SER A . n 
A 1 48 SER 48 141 141 SER SER A . n 
A 1 49 PRO 49 142 142 PRO PRO A . n 
A 1 50 ALA 50 143 143 ALA ALA A . n 
A 1 51 GLN 51 144 144 GLN GLN A . n 
A 1 52 LEU 52 145 145 LEU LEU A . n 
A 1 53 ALA 53 146 146 ALA ALA A . n 
A 1 54 GLY 54 147 147 GLY GLY A . n 
A 1 55 LEU 55 148 148 LEU LEU A . n 
A 1 56 THR 56 149 149 THR THR A . n 
A 1 57 PRO 57 150 150 PRO PRO A . n 
A 1 58 GLY 58 151 151 GLY GLY A . n 
A 1 59 ASP 59 152 152 ASP ASP A . n 
A 1 60 THR 60 153 153 THR THR A . n 
A 1 61 ILE 61 154 154 ILE ILE A . n 
A 1 62 ALA 62 155 155 ALA ALA A . n 
A 1 63 SER 63 156 156 SER SER A . n 
A 1 64 VAL 64 157 157 VAL VAL A . n 
A 1 65 ASN 65 158 158 ASN ASN A . n 
A 1 66 GLY 66 159 159 GLY GLY A . n 
A 1 67 LEU 67 160 160 LEU LEU A . n 
A 1 68 ASN 68 161 161 ASN ASN A . n 
A 1 69 VAL 69 162 162 VAL VAL A . n 
A 1 70 GLU 70 163 163 GLU GLU A . n 
A 1 71 GLY 71 164 164 GLY GLY A . n 
A 1 72 ILE 72 165 165 ILE ILE A . n 
A 1 73 ARG 73 166 166 ARG ARG A . n 
A 1 74 HIS 74 167 167 HIS HIS A . n 
A 1 75 ARG 75 168 168 ARG ARG A . n 
A 1 76 GLU 76 169 169 GLU GLU A . n 
A 1 77 ILE 77 170 170 ILE ILE A . n 
A 1 78 VAL 78 171 171 VAL VAL A . n 
A 1 79 ASP 79 172 172 ASP ASP A . n 
A 1 80 ILE 80 173 173 ILE ILE A . n 
A 1 81 ILE 81 174 174 ILE ILE A . n 
A 1 82 LYS 82 175 175 LYS LYS A . n 
A 1 83 ALA 83 176 176 ALA ALA A . n 
A 1 84 SER 84 177 177 SER SER A . n 
A 1 85 GLY 85 178 178 GLY GLY A . n 
A 1 86 ASN 86 179 179 ASN ASN A . n 
A 1 87 VAL 87 180 180 VAL VAL A . n 
A 1 88 LEU 88 181 181 LEU LEU A . n 
A 1 89 ARG 89 182 182 ARG ARG A . n 
A 1 90 LEU 90 183 183 LEU LEU A . n 
A 1 91 GLU 91 184 184 GLU GLU A . n 
A 1 92 THR 92 185 185 THR THR A . n 
A 1 93 LEU 93 186 186 LEU LEU A . n 
A 1 94 TYR 94 187 187 TYR TYR A . n 
A 1 95 GLY 95 188 188 GLY GLY A . n 
A 1 96 THR 96 189 189 THR THR A . n 
B 2 1  SER 1  190 190 SER SER B . n 
B 2 2  SER 2  191 191 SER SER B . n 
B 2 3  SER 3  192 192 SER SER B . n 
B 2 4  SER 4  193 193 SER SER B . n 
B 2 5  LEU 5  194 194 LEU LEU B . n 
# 
loop_
_pdbx_nonpoly_scheme.asym_id 
_pdbx_nonpoly_scheme.entity_id 
_pdbx_nonpoly_scheme.mon_id 
_pdbx_nonpoly_scheme.ndb_seq_num 
_pdbx_nonpoly_scheme.pdb_seq_num 
_pdbx_nonpoly_scheme.auth_seq_num 
_pdbx_nonpoly_scheme.pdb_mon_id 
_pdbx_nonpoly_scheme.auth_mon_id 
_pdbx_nonpoly_scheme.pdb_strand_id 
_pdbx_nonpoly_scheme.pdb_ins_code 
C 3 HOH 1 1  1  HOH HOH A . 
C 3 HOH 2 8  8  HOH HOH A . 
C 3 HOH 3 9  9  HOH HOH A . 
C 3 HOH 4 11 11 HOH HOH A . 
C 3 HOH 5 12 12 HOH HOH A . 
C 3 HOH 6 14 14 HOH HOH A . 
C 3 HOH 7 15 15 HOH HOH A . 
D 3 HOH 1 3  3  HOH HOH B . 
D 3 HOH 2 6  6  HOH HOH B . 
D 3 HOH 3 10 10 HOH HOH B . 
# 
loop_
_pdbx_unobs_or_zero_occ_atoms.id 
_pdbx_unobs_or_zero_occ_atoms.PDB_model_num 
_pdbx_unobs_or_zero_occ_atoms.polymer_flag 
_pdbx_unobs_or_zero_occ_atoms.occupancy_flag 
_pdbx_unobs_or_zero_occ_atoms.auth_asym_id 
_pdbx_unobs_or_zero_occ_atoms.auth_comp_id 
_pdbx_unobs_or_zero_occ_atoms.auth_seq_id 
_pdbx_unobs_or_zero_occ_atoms.PDB_ins_code 
_pdbx_unobs_or_zero_occ_atoms.auth_atom_id 
_pdbx_unobs_or_zero_occ_atoms.label_alt_id 
_pdbx_unobs_or_zero_occ_atoms.label_asym_id 
_pdbx_unobs_or_zero_occ_atoms.label_comp_id 
_pdbx_unobs_or_zero_occ_atoms.label_seq_id 
_pdbx_unobs_or_zero_occ_atoms.label_atom_id 
1  1 Y 1 A GLN 96  ? CB  ? A GLN 3  CB  
2  1 Y 1 A GLN 96  ? CG  ? A GLN 3  CG  
3  1 Y 1 A GLN 96  ? CD  ? A GLN 3  CD  
4  1 Y 1 A GLN 96  ? OE1 ? A GLN 3  OE1 
5  1 Y 1 A GLN 96  ? NE2 ? A GLN 3  NE2 
6  1 Y 1 A GLN 97  ? CG  ? A GLN 4  CG  
7  1 Y 1 A GLN 97  ? CD  ? A GLN 4  CD  
8  1 Y 1 A GLN 97  ? OE1 ? A GLN 4  OE1 
9  1 Y 1 A GLN 97  ? NE2 ? A GLN 4  NE2 
10 1 Y 1 A ARG 98  ? CG  ? A ARG 5  CG  
11 1 Y 1 A ARG 98  ? CD  ? A ARG 5  CD  
12 1 Y 1 A ARG 98  ? NE  ? A ARG 5  NE  
13 1 Y 1 A ARG 98  ? CZ  ? A ARG 5  CZ  
14 1 Y 1 A ARG 98  ? NH1 ? A ARG 5  NH1 
15 1 Y 1 A ARG 98  ? NH2 ? A ARG 5  NH2 
16 1 Y 1 A ILE 165 ? CG1 ? A ILE 72 CG1 
17 1 Y 1 A ILE 165 ? CG2 ? A ILE 72 CG2 
18 1 Y 1 A ILE 165 ? CD1 ? A ILE 72 CD1 
19 1 Y 1 A ARG 166 ? CG  ? A ARG 73 CG  
20 1 Y 1 A ARG 166 ? CD  ? A ARG 73 CD  
21 1 Y 1 A ARG 166 ? NE  ? A ARG 73 NE  
22 1 Y 1 A ARG 166 ? CZ  ? A ARG 73 CZ  
23 1 Y 1 A ARG 166 ? NH1 ? A ARG 73 NH1 
24 1 Y 1 A ARG 166 ? NH2 ? A ARG 73 NH2 
# 
loop_
_software.name 
_software.classification 
_software.version 
_software.citation_id 
_software.pdbx_ordinal 
CNS      refinement        1.1 ? 1 
HKL-2000 'data collection' .   ? 2 
HKL-2000 'data reduction'  .   ? 3 
HKL-2000 'data scaling'    .   ? 4 
CNS      phasing           .   ? 5 
# 
_cell.entry_id           2EGN 
_cell.length_a           75.610 
_cell.length_b           75.610 
_cell.length_c           80.185 
_cell.angle_alpha        90.00 
_cell.angle_beta         90.00 
_cell.angle_gamma        90.00 
_cell.Z_PDB              16 
_cell.pdbx_unique_axis   ? 
_cell.length_a_esd       ? 
_cell.length_b_esd       ? 
_cell.length_c_esd       ? 
_cell.angle_alpha_esd    ? 
_cell.angle_beta_esd     ? 
_cell.angle_gamma_esd    ? 
# 
_symmetry.entry_id                         2EGN 
_symmetry.space_group_name_H-M             'I 4 2 2' 
_symmetry.pdbx_full_space_group_name_H-M   ? 
_symmetry.cell_setting                     ? 
_symmetry.Int_Tables_number                97 
_symmetry.space_group_name_Hall            ? 
# 
_exptl.entry_id          2EGN 
_exptl.method            'X-RAY DIFFRACTION' 
_exptl.crystals_number   1 
# 
_exptl_crystal.id                    1 
_exptl_crystal.density_meas          ? 
_exptl_crystal.density_Matthews      2.58 
_exptl_crystal.density_percent_sol   52.24 
_exptl_crystal.description           ? 
_exptl_crystal.F_000                 ? 
_exptl_crystal.preparation           ? 
# 
_exptl_crystal_grow.crystal_id      1 
_exptl_crystal_grow.method          'VAPOR DIFFUSION, HANGING DROP' 
_exptl_crystal_grow.temp            293 
_exptl_crystal_grow.temp_details    ? 
_exptl_crystal_grow.pH              5.6 
_exptl_crystal_grow.pdbx_details    
'0.1M trisodium citrate dihydrogen, 1.0M ammonium dihydrogen phosphate, pH 5.6, VAPOR DIFFUSION, HANGING DROP, temperature 293K' 
_exptl_crystal_grow.pdbx_pH_range   . 
# 
_diffrn.id                     1 
_diffrn.ambient_temp           298 
_diffrn.ambient_temp_details   ? 
_diffrn.crystal_id             1 
# 
_diffrn_detector.diffrn_id              1 
_diffrn_detector.detector               CCD 
_diffrn_detector.type                   'ADSC QUANTUM 210' 
_diffrn_detector.pdbx_collection_date   2005-02-05 
_diffrn_detector.details                ? 
# 
_diffrn_radiation.diffrn_id                        1 
_diffrn_radiation.wavelength_id                    1 
_diffrn_radiation.pdbx_monochromatic_or_laue_m_l   M 
_diffrn_radiation.monochromator                    ? 
_diffrn_radiation.pdbx_diffrn_protocol             'SINGLE WAVELENGTH' 
_diffrn_radiation.pdbx_scattering_type             x-ray 
# 
_diffrn_radiation_wavelength.id           1 
_diffrn_radiation_wavelength.wavelength   1.0000 
_diffrn_radiation_wavelength.wt           1.0 
# 
_diffrn_source.diffrn_id                   1 
_diffrn_source.source                      SYNCHROTRON 
_diffrn_source.type                        'PHOTON FACTORY BEAMLINE AR-NW12A' 
_diffrn_source.pdbx_synchrotron_site       'Photon Factory' 
_diffrn_source.pdbx_synchrotron_beamline   AR-NW12A 
_diffrn_source.pdbx_wavelength             ? 
_diffrn_source.pdbx_wavelength_list        1.0000 
# 
_reflns.entry_id                     2EGN 
_reflns.observed_criterion_sigma_I   ? 
_reflns.observed_criterion_sigma_F   0 
_reflns.d_resolution_low             50 
_reflns.d_resolution_high            2.1 
_reflns.number_obs                   4125 
_reflns.number_all                   4277 
_reflns.percent_possible_obs         99.6 
_reflns.pdbx_Rmerge_I_obs            0.037 
_reflns.pdbx_Rsym_value              ? 
_reflns.pdbx_netI_over_sigmaI        22.2 
_reflns.B_iso_Wilson_estimate        11.5 
_reflns.pdbx_redundancy              7.4 
_reflns.R_free_details               ? 
_reflns.limit_h_max                  ? 
_reflns.limit_h_min                  ? 
_reflns.limit_k_max                  ? 
_reflns.limit_k_min                  ? 
_reflns.limit_l_max                  ? 
_reflns.limit_l_min                  ? 
_reflns.observed_criterion_F_max     ? 
_reflns.observed_criterion_F_min     ? 
_reflns.pdbx_chi_squared             ? 
_reflns.pdbx_scaling_rejects         ? 
_reflns.pdbx_diffrn_id               1 
_reflns.pdbx_ordinal                 1 
# 
_reflns_shell.d_res_high             2.10 
_reflns_shell.d_res_low              2.18 
_reflns_shell.percent_possible_all   ? 
_reflns_shell.Rmerge_I_obs           0.521 
_reflns_shell.pdbx_Rsym_value        ? 
_reflns_shell.meanI_over_sigI_obs    ? 
_reflns_shell.pdbx_redundancy        13.4 
_reflns_shell.percent_possible_obs   ? 
_reflns_shell.number_unique_all      686 
_reflns_shell.number_measured_all    ? 
_reflns_shell.number_measured_obs    ? 
_reflns_shell.number_unique_obs      ? 
_reflns_shell.pdbx_chi_squared       ? 
_reflns_shell.pdbx_diffrn_id         ? 
_reflns_shell.pdbx_ordinal           1 
# 
_refine.entry_id                                 2EGN 
_refine.ls_number_reflns_obs                     4125 
_refine.ls_number_reflns_all                     4250 
_refine.pdbx_ls_sigma_I                          ? 
_refine.pdbx_ls_sigma_F                          0.0 
_refine.pdbx_data_cutoff_high_absF               215411.51 
_refine.pdbx_data_cutoff_low_absF                0.000000 
_refine.pdbx_data_cutoff_high_rms_absF           ? 
_refine.ls_d_res_low                             37.81 
_refine.ls_d_res_high                            2.40 
_refine.ls_percent_reflns_obs                    86.3 
_refine.ls_R_factor_obs                          ? 
_refine.ls_R_factor_all                          ? 
_refine.ls_R_factor_R_work                       0.259 
_refine.ls_R_factor_R_free                       0.273 
_refine.ls_R_factor_R_free_error                 0.027 
_refine.ls_R_factor_R_free_error_details         ? 
_refine.ls_percent_reflns_R_free                 7.2 
_refine.ls_number_reflns_R_free                  538 
_refine.ls_number_parameters                     ? 
_refine.ls_number_restraints                     ? 
_refine.occupancy_min                            ? 
_refine.occupancy_max                            ? 
_refine.correlation_coeff_Fo_to_Fc               ? 
_refine.correlation_coeff_Fo_to_Fc_free          ? 
_refine.B_iso_mean                               15.0 
_refine.aniso_B[1][1]                            -20.45 
_refine.aniso_B[2][2]                            36.80 
_refine.aniso_B[3][3]                            -16.35 
_refine.aniso_B[1][2]                            0.00 
_refine.aniso_B[1][3]                            0.00 
_refine.aniso_B[2][3]                            0.00 
_refine.solvent_model_details                    'FLAT MODEL' 
_refine.solvent_model_param_ksol                 0.404994 
_refine.solvent_model_param_bsol                 10 
_refine.pdbx_solvent_vdw_probe_radii             ? 
_refine.pdbx_solvent_ion_probe_radii             ? 
_refine.pdbx_solvent_shrinkage_radii             ? 
_refine.pdbx_ls_cross_valid_method               THROUGHOUT 
_refine.details                                  ? 
_refine.pdbx_starting_model                      'PDB ENTRY 2EGO' 
_refine.pdbx_method_to_determine_struct          'MOLECULAR REPLACEMENT' 
_refine.pdbx_isotropic_thermal_model             RESTRAINED 
_refine.pdbx_stereochemistry_target_values       'Engh & Huber' 
_refine.pdbx_stereochem_target_val_spec_case     ? 
_refine.pdbx_R_Free_selection_details            RANDOM 
_refine.pdbx_overall_ESU_R                       ? 
_refine.pdbx_overall_ESU_R_Free                  ? 
_refine.overall_SU_ML                            ? 
_refine.overall_SU_B                             ? 
_refine.ls_redundancy_reflns_obs                 ? 
_refine.B_iso_min                                ? 
_refine.B_iso_max                                ? 
_refine.overall_SU_R_Cruickshank_DPI             ? 
_refine.overall_SU_R_free                        ? 
_refine.ls_wR_factor_R_free                      ? 
_refine.ls_wR_factor_R_work                      ? 
_refine.overall_FOM_free_R_set                   ? 
_refine.overall_FOM_work_R_set                   ? 
_refine.pdbx_refine_id                           'X-RAY DIFFRACTION' 
_refine.pdbx_diffrn_id                           1 
_refine.pdbx_TLS_residual_ADP_flag               ? 
_refine.pdbx_overall_phase_error                 ? 
_refine.pdbx_overall_SU_R_free_Cruickshank_DPI   ? 
_refine.pdbx_overall_SU_R_Blow_DPI               ? 
_refine.pdbx_overall_SU_R_free_Blow_DPI          ? 
# 
_refine_analyze.entry_id                        2EGN 
_refine_analyze.Luzzati_coordinate_error_obs    0.58 
_refine_analyze.Luzzati_sigma_a_obs             1.12 
_refine_analyze.Luzzati_d_res_low_obs           5.00 
_refine_analyze.Luzzati_coordinate_error_free   0.55 
_refine_analyze.Luzzati_sigma_a_free            ? 
_refine_analyze.Luzzati_d_res_low_free          ? 
_refine_analyze.number_disordered_residues      ? 
_refine_analyze.occupancy_sum_hydrogen          ? 
_refine_analyze.occupancy_sum_non_hydrogen      ? 
_refine_analyze.pdbx_Luzzati_d_res_high_obs     ? 
_refine_analyze.pdbx_refine_id                  'X-RAY DIFFRACTION' 
# 
_refine_hist.pdbx_refine_id                   'X-RAY DIFFRACTION' 
_refine_hist.cycle_id                         LAST 
_refine_hist.pdbx_number_atoms_protein        646 
_refine_hist.pdbx_number_atoms_nucleic_acid   0 
_refine_hist.pdbx_number_atoms_ligand         0 
_refine_hist.number_atoms_solvent             10 
_refine_hist.number_atoms_total               656 
_refine_hist.d_res_high                       2.40 
_refine_hist.d_res_low                        37.81 
# 
loop_
_refine_ls_restr.type 
_refine_ls_restr.dev_ideal 
_refine_ls_restr.dev_ideal_target 
_refine_ls_restr.weight 
_refine_ls_restr.number 
_refine_ls_restr.pdbx_refine_id 
_refine_ls_restr.pdbx_restraint_function 
c_bond_d           0.008 ?    ? ? 'X-RAY DIFFRACTION' ? 
c_angle_deg        1.4   ?    ? ? 'X-RAY DIFFRACTION' ? 
c_dihedral_angle_d 25.7  ?    ? ? 'X-RAY DIFFRACTION' ? 
c_improper_angle_d 0.83  ?    ? ? 'X-RAY DIFFRACTION' ? 
c_mcbond_it        0.00  1.50 ? ? 'X-RAY DIFFRACTION' ? 
c_mcangle_it       0.00  2.00 ? ? 'X-RAY DIFFRACTION' ? 
c_scbond_it        0.00  2.00 ? ? 'X-RAY DIFFRACTION' ? 
c_scangle_it       0.00  2.50 ? ? 'X-RAY DIFFRACTION' ? 
# 
_refine_ls_shell.pdbx_total_number_of_bins_used   6 
_refine_ls_shell.d_res_high                       2.40 
_refine_ls_shell.d_res_low                        2.55 
_refine_ls_shell.number_reflns_R_work             857 
_refine_ls_shell.R_factor_R_work                  0.599 
_refine_ls_shell.percent_reflns_obs               64.1 
_refine_ls_shell.R_factor_R_free                  0.596 
_refine_ls_shell.R_factor_R_free_error            0.076 
_refine_ls_shell.percent_reflns_R_free            6.7 
_refine_ls_shell.number_reflns_R_free             62 
_refine_ls_shell.number_reflns_all                ? 
_refine_ls_shell.R_factor_all                     ? 
_refine_ls_shell.number_reflns_obs                ? 
_refine_ls_shell.redundancy_reflns_obs            ? 
_refine_ls_shell.pdbx_refine_id                   'X-RAY DIFFRACTION' 
# 
loop_
_pdbx_xplor_file.serial_no 
_pdbx_xplor_file.param_file 
_pdbx_xplor_file.topol_file 
_pdbx_xplor_file.pdbx_refine_id 
1 protein_rep.param protein.top 'X-RAY DIFFRACTION' 
2 water.param       ?           'X-RAY DIFFRACTION' 
3 ion.param         ?           'X-RAY DIFFRACTION' 
# 
_struct.entry_id                  2EGN 
_struct.title                     'Crystal Structure of Tamalin PDZ Domain in Complex with mGluR5 C-terminal Peptide' 
_struct.pdbx_model_details        ? 
_struct.pdbx_CASP_flag            ? 
_struct.pdbx_model_type_details   ? 
# 
_struct_keywords.entry_id        2EGN 
_struct_keywords.pdbx_keywords   'PROTEIN BINDING' 
_struct_keywords.text            'PDZ domain, peptide complex, PROTEIN BINDING' 
# 
loop_
_struct_asym.id 
_struct_asym.pdbx_blank_PDB_chainid_flag 
_struct_asym.pdbx_modified 
_struct_asym.entity_id 
_struct_asym.details 
A N N 1 ? 
B N N 2 ? 
C N N 3 ? 
D N N 3 ? 
# 
loop_
_struct_ref.id 
_struct_ref.db_name 
_struct_ref.db_code 
_struct_ref.pdbx_db_accession 
_struct_ref.entity_id 
_struct_ref.pdbx_seq_one_letter_code 
_struct_ref.pdbx_align_begin 
_struct_ref.pdbx_db_isoform 
1 UNP GRASP_RAT Q8R4T5 1 
;QQRKVLTLEKGDNQTFGFEIQTYGLHHREEQRVEMVTFVCRVHESSPAQLAGLTPGDTIASVNGLNVEGIRHREIVDIIK
ASGNVLRLETLYGT
;
96 ? 
2 PDB 2EGN      2EGN   2 ?                                                                                                 ?  ? 
# 
loop_
_struct_ref_seq.align_id 
_struct_ref_seq.ref_id 
_struct_ref_seq.pdbx_PDB_id_code 
_struct_ref_seq.pdbx_strand_id 
_struct_ref_seq.seq_align_beg 
_struct_ref_seq.pdbx_seq_align_beg_ins_code 
_struct_ref_seq.seq_align_end 
_struct_ref_seq.pdbx_seq_align_end_ins_code 
_struct_ref_seq.pdbx_db_accession 
_struct_ref_seq.db_align_beg 
_struct_ref_seq.pdbx_db_align_beg_ins_code 
_struct_ref_seq.db_align_end 
_struct_ref_seq.pdbx_db_align_end_ins_code 
_struct_ref_seq.pdbx_auth_seq_align_beg 
_struct_ref_seq.pdbx_auth_seq_align_end 
1 1 2EGN A 3 ? 96 ? Q8R4T5 96  ? 189 ? 96  189 
2 2 2EGN B 1 ? 5  ? 2EGN   190 ? 194 ? 190 194 
# 
loop_
_struct_ref_seq_dif.align_id 
_struct_ref_seq_dif.pdbx_pdb_id_code 
_struct_ref_seq_dif.mon_id 
_struct_ref_seq_dif.pdbx_pdb_strand_id 
_struct_ref_seq_dif.seq_num 
_struct_ref_seq_dif.pdbx_pdb_ins_code 
_struct_ref_seq_dif.pdbx_seq_db_name 
_struct_ref_seq_dif.pdbx_seq_db_accession_code 
_struct_ref_seq_dif.db_mon_id 
_struct_ref_seq_dif.pdbx_seq_db_seq_num 
_struct_ref_seq_dif.details 
_struct_ref_seq_dif.pdbx_auth_seq_num 
_struct_ref_seq_dif.pdbx_ordinal 
1 2EGN GLY A 1  ? UNP Q8R4T5 ?   ?   'cloning artifact'    94  1 
1 2EGN SER A 2  ? UNP Q8R4T5 ?   ?   'cloning artifact'    95  2 
1 2EGN ALA A 42 ? UNP Q8R4T5 CYS 135 'engineered mutation' 135 3 
# 
_pdbx_struct_assembly.id                   1 
_pdbx_struct_assembly.details              author_defined_assembly 
_pdbx_struct_assembly.method_details       ? 
_pdbx_struct_assembly.oligomeric_details   tetrameric 
_pdbx_struct_assembly.oligomeric_count     4 
# 
_pdbx_struct_assembly_gen.assembly_id       1 
_pdbx_struct_assembly_gen.oper_expression   1,2 
_pdbx_struct_assembly_gen.asym_id_list      A,B,C,D 
# 
loop_
_pdbx_struct_oper_list.id 
_pdbx_struct_oper_list.type 
_pdbx_struct_oper_list.name 
_pdbx_struct_oper_list.symmetry_operation 
_pdbx_struct_oper_list.matrix[1][1] 
_pdbx_struct_oper_list.matrix[1][2] 
_pdbx_struct_oper_list.matrix[1][3] 
_pdbx_struct_oper_list.vector[1] 
_pdbx_struct_oper_list.matrix[2][1] 
_pdbx_struct_oper_list.matrix[2][2] 
_pdbx_struct_oper_list.matrix[2][3] 
_pdbx_struct_oper_list.vector[2] 
_pdbx_struct_oper_list.matrix[3][1] 
_pdbx_struct_oper_list.matrix[3][2] 
_pdbx_struct_oper_list.matrix[3][3] 
_pdbx_struct_oper_list.vector[3] 
1 'identity operation'         1_555 x,y,z          1.0000000000 0.0000000000 0.0000000000 0.0000000000 0.0000000000 1.0000000000  0.0000000000 0.0000000000   0.0000000000 0.0000000000 1.0000000000  0.0000000000  
2 'crystal symmetry operation' 8_664 -y+1,-x+1,-z-1 0.3861373889 0.8312830426 0.3998329901 5.9419316069 0.8312830426 -0.5014696938 0.2397845893 -16.7689205074 0.3998329901 0.2397845893 -0.8846676951 14.2644199905 
# 
loop_
_struct_conf.conf_type_id 
_struct_conf.id 
_struct_conf.pdbx_PDB_helix_id 
_struct_conf.beg_label_comp_id 
_struct_conf.beg_label_asym_id 
_struct_conf.beg_label_seq_id 
_struct_conf.pdbx_beg_PDB_ins_code 
_struct_conf.end_label_comp_id 
_struct_conf.end_label_asym_id 
_struct_conf.end_label_seq_id 
_struct_conf.pdbx_end_PDB_ins_code 
_struct_conf.beg_auth_comp_id 
_struct_conf.beg_auth_asym_id 
_struct_conf.beg_auth_seq_id 
_struct_conf.end_auth_comp_id 
_struct_conf.end_auth_asym_id 
_struct_conf.end_auth_seq_id 
_struct_conf.pdbx_PDB_helix_class 
_struct_conf.details 
_struct_conf.pdbx_PDB_helix_length 
HELX_P HELX_P1 1 SER A 48 ? GLY A 54 ? SER A 141 GLY A 147 1 ? 7  
HELX_P HELX_P2 2 ARG A 73 ? ALA A 83 ? ARG A 166 ALA A 176 1 ? 11 
# 
_struct_conf_type.id          HELX_P 
_struct_conf_type.criteria    ? 
_struct_conf_type.reference   ? 
# 
_struct_conn.id                            covale1 
_struct_conn.conn_type_id                  covale 
_struct_conn.pdbx_leaving_atom_flag        both 
_struct_conn.pdbx_PDB_id                   ? 
_struct_conn.ptnr1_label_asym_id           A 
_struct_conn.ptnr1_label_comp_id           THR 
_struct_conn.ptnr1_label_seq_id            96 
_struct_conn.ptnr1_label_atom_id           C 
_struct_conn.pdbx_ptnr1_label_alt_id       ? 
_struct_conn.pdbx_ptnr1_PDB_ins_code       ? 
_struct_conn.pdbx_ptnr1_standard_comp_id   ? 
_struct_conn.ptnr1_symmetry                1_555 
_struct_conn.ptnr2_label_asym_id           B 
_struct_conn.ptnr2_label_comp_id           SER 
_struct_conn.ptnr2_label_seq_id            1 
_struct_conn.ptnr2_label_atom_id           N 
_struct_conn.pdbx_ptnr2_label_alt_id       ? 
_struct_conn.pdbx_ptnr2_PDB_ins_code       ? 
_struct_conn.ptnr1_auth_asym_id            A 
_struct_conn.ptnr1_auth_comp_id            THR 
_struct_conn.ptnr1_auth_seq_id             189 
_struct_conn.ptnr2_auth_asym_id            B 
_struct_conn.ptnr2_auth_comp_id            SER 
_struct_conn.ptnr2_auth_seq_id             190 
_struct_conn.ptnr2_symmetry                1_555 
_struct_conn.pdbx_ptnr3_label_atom_id      ? 
_struct_conn.pdbx_ptnr3_label_seq_id       ? 
_struct_conn.pdbx_ptnr3_label_comp_id      ? 
_struct_conn.pdbx_ptnr3_label_asym_id      ? 
_struct_conn.pdbx_ptnr3_label_alt_id       ? 
_struct_conn.pdbx_ptnr3_PDB_ins_code       ? 
_struct_conn.details                       ? 
_struct_conn.pdbx_dist_value               1.327 
_struct_conn.pdbx_value_order              ? 
_struct_conn.pdbx_role                     ? 
# 
_struct_conn_type.id          covale 
_struct_conn_type.criteria    ? 
_struct_conn_type.reference   ? 
# 
_pdbx_modification_feature.ordinal                            1 
_pdbx_modification_feature.label_comp_id                      THR 
_pdbx_modification_feature.label_asym_id                      A 
_pdbx_modification_feature.label_seq_id                       96 
_pdbx_modification_feature.label_alt_id                       ? 
_pdbx_modification_feature.modified_residue_label_comp_id     SER 
_pdbx_modification_feature.modified_residue_label_asym_id     B 
_pdbx_modification_feature.modified_residue_label_seq_id      1 
_pdbx_modification_feature.modified_residue_label_alt_id      ? 
_pdbx_modification_feature.auth_comp_id                       THR 
_pdbx_modification_feature.auth_asym_id                       A 
_pdbx_modification_feature.auth_seq_id                        189 
_pdbx_modification_feature.PDB_ins_code                       ? 
_pdbx_modification_feature.symmetry                           1_555 
_pdbx_modification_feature.modified_residue_auth_comp_id      SER 
_pdbx_modification_feature.modified_residue_auth_asym_id      B 
_pdbx_modification_feature.modified_residue_auth_seq_id       190 
_pdbx_modification_feature.modified_residue_PDB_ins_code      ? 
_pdbx_modification_feature.modified_residue_symmetry          1_555 
_pdbx_modification_feature.comp_id_linking_atom               C 
_pdbx_modification_feature.modified_residue_id_linking_atom   N 
_pdbx_modification_feature.modified_residue_id                . 
_pdbx_modification_feature.ref_pcm_id                         . 
_pdbx_modification_feature.ref_comp_id                        . 
_pdbx_modification_feature.type                               None 
_pdbx_modification_feature.category                           'Non-standard linkage' 
# 
loop_
_struct_sheet.id 
_struct_sheet.type 
_struct_sheet.number_strands 
_struct_sheet.details 
A ? 4 ? 
B ? 2 ? 
# 
loop_
_struct_sheet_order.sheet_id 
_struct_sheet_order.range_id_1 
_struct_sheet_order.range_id_2 
_struct_sheet_order.offset 
_struct_sheet_order.sense 
A 1 2 ? anti-parallel 
A 2 3 ? anti-parallel 
A 3 4 ? anti-parallel 
B 1 2 ? anti-parallel 
# 
loop_
_struct_sheet_range.sheet_id 
_struct_sheet_range.id 
_struct_sheet_range.beg_label_comp_id 
_struct_sheet_range.beg_label_asym_id 
_struct_sheet_range.beg_label_seq_id 
_struct_sheet_range.pdbx_beg_PDB_ins_code 
_struct_sheet_range.end_label_comp_id 
_struct_sheet_range.end_label_asym_id 
_struct_sheet_range.end_label_seq_id 
_struct_sheet_range.pdbx_end_PDB_ins_code 
_struct_sheet_range.beg_auth_comp_id 
_struct_sheet_range.beg_auth_asym_id 
_struct_sheet_range.beg_auth_seq_id 
_struct_sheet_range.end_auth_comp_id 
_struct_sheet_range.end_auth_asym_id 
_struct_sheet_range.end_auth_seq_id 
A 1 VAL A 7  ? GLU A 11 ? VAL A 100 GLU A 104 
A 2 VAL A 87 ? TYR A 94 ? VAL A 180 TYR A 187 
A 3 ASP A 59 ? VAL A 64 ? ASP A 152 VAL A 157 
A 4 LEU A 67 ? ASN A 68 ? LEU A 160 ASN A 161 
B 1 PHE A 20 ? THR A 24 ? PHE A 113 THR A 117 
B 2 THR A 39 ? VAL A 44 ? THR A 132 VAL A 137 
# 
loop_
_pdbx_struct_sheet_hbond.sheet_id 
_pdbx_struct_sheet_hbond.range_id_1 
_pdbx_struct_sheet_hbond.range_id_2 
_pdbx_struct_sheet_hbond.range_1_label_atom_id 
_pdbx_struct_sheet_hbond.range_1_label_comp_id 
_pdbx_struct_sheet_hbond.range_1_label_asym_id 
_pdbx_struct_sheet_hbond.range_1_label_seq_id 
_pdbx_struct_sheet_hbond.range_1_PDB_ins_code 
_pdbx_struct_sheet_hbond.range_1_auth_atom_id 
_pdbx_struct_sheet_hbond.range_1_auth_comp_id 
_pdbx_struct_sheet_hbond.range_1_auth_asym_id 
_pdbx_struct_sheet_hbond.range_1_auth_seq_id 
_pdbx_struct_sheet_hbond.range_2_label_atom_id 
_pdbx_struct_sheet_hbond.range_2_label_comp_id 
_pdbx_struct_sheet_hbond.range_2_label_asym_id 
_pdbx_struct_sheet_hbond.range_2_label_seq_id 
_pdbx_struct_sheet_hbond.range_2_PDB_ins_code 
_pdbx_struct_sheet_hbond.range_2_auth_atom_id 
_pdbx_struct_sheet_hbond.range_2_auth_comp_id 
_pdbx_struct_sheet_hbond.range_2_auth_asym_id 
_pdbx_struct_sheet_hbond.range_2_auth_seq_id 
A 1 2 N LEU A 10 ? N LEU A 103 O LEU A 88 ? O LEU A 181 
A 2 3 O GLU A 91 ? O GLU A 184 N ALA A 62 ? N ALA A 155 
A 3 4 N VAL A 64 ? N VAL A 157 O LEU A 67 ? O LEU A 160 
B 1 2 N GLN A 23 ? N GLN A 116 O PHE A 40 ? O PHE A 133 
# 
_pdbx_entry_details.entry_id                   2EGN 
_pdbx_entry_details.compound_details           ? 
_pdbx_entry_details.source_details             ? 
_pdbx_entry_details.nonpolymer_details         ? 
_pdbx_entry_details.sequence_details           ? 
_pdbx_entry_details.has_ligand_of_interest     ? 
_pdbx_entry_details.has_protein_modification   Y 
# 
loop_
_pdbx_validate_torsion.id 
_pdbx_validate_torsion.PDB_model_num 
_pdbx_validate_torsion.auth_comp_id 
_pdbx_validate_torsion.auth_asym_id 
_pdbx_validate_torsion.auth_seq_id 
_pdbx_validate_torsion.PDB_ins_code 
_pdbx_validate_torsion.label_alt_id 
_pdbx_validate_torsion.phi 
_pdbx_validate_torsion.psi 
1 1 GLN A 97 ? ? -70.08  -144.28 
2 1 ARG A 98 ? ? -68.09  -158.85 
3 1 LYS A 99 ? ? -179.07 118.73  
# 
loop_
_pdbx_unobs_or_zero_occ_residues.id 
_pdbx_unobs_or_zero_occ_residues.PDB_model_num 
_pdbx_unobs_or_zero_occ_residues.polymer_flag 
_pdbx_unobs_or_zero_occ_residues.occupancy_flag 
_pdbx_unobs_or_zero_occ_residues.auth_asym_id 
_pdbx_unobs_or_zero_occ_residues.auth_comp_id 
_pdbx_unobs_or_zero_occ_residues.auth_seq_id 
_pdbx_unobs_or_zero_occ_residues.PDB_ins_code 
_pdbx_unobs_or_zero_occ_residues.label_asym_id 
_pdbx_unobs_or_zero_occ_residues.label_comp_id 
_pdbx_unobs_or_zero_occ_residues.label_seq_id 
1  1 Y 1 A GLY 94  ? A GLY 1  
2  1 Y 1 A SER 95  ? A SER 2  
3  1 Y 1 A LEU 120 ? A LEU 27 
4  1 Y 1 A HIS 121 ? A HIS 28 
5  1 Y 1 A HIS 122 ? A HIS 29 
6  1 Y 1 A ARG 123 ? A ARG 30 
7  1 Y 1 A GLU 124 ? A GLU 31 
8  1 Y 1 A GLU 125 ? A GLU 32 
9  1 Y 1 A GLN 126 ? A GLN 33 
10 1 Y 1 A ARG 127 ? A ARG 34 
11 1 Y 1 A VAL 128 ? A VAL 35 
12 1 Y 1 A GLU 129 ? A GLU 36 
13 1 Y 1 A MET 130 ? A MET 37 
# 
loop_
_chem_comp_atom.comp_id 
_chem_comp_atom.atom_id 
_chem_comp_atom.type_symbol 
_chem_comp_atom.pdbx_aromatic_flag 
_chem_comp_atom.pdbx_stereo_config 
_chem_comp_atom.pdbx_ordinal 
ALA N    N N N 1   
ALA CA   C N S 2   
ALA C    C N N 3   
ALA O    O N N 4   
ALA CB   C N N 5   
ALA OXT  O N N 6   
ALA H    H N N 7   
ALA H2   H N N 8   
ALA HA   H N N 9   
ALA HB1  H N N 10  
ALA HB2  H N N 11  
ALA HB3  H N N 12  
ALA HXT  H N N 13  
ARG N    N N N 14  
ARG CA   C N S 15  
ARG C    C N N 16  
ARG O    O N N 17  
ARG CB   C N N 18  
ARG CG   C N N 19  
ARG CD   C N N 20  
ARG NE   N N N 21  
ARG CZ   C N N 22  
ARG NH1  N N N 23  
ARG NH2  N N N 24  
ARG OXT  O N N 25  
ARG H    H N N 26  
ARG H2   H N N 27  
ARG HA   H N N 28  
ARG HB2  H N N 29  
ARG HB3  H N N 30  
ARG HG2  H N N 31  
ARG HG3  H N N 32  
ARG HD2  H N N 33  
ARG HD3  H N N 34  
ARG HE   H N N 35  
ARG HH11 H N N 36  
ARG HH12 H N N 37  
ARG HH21 H N N 38  
ARG HH22 H N N 39  
ARG HXT  H N N 40  
ASN N    N N N 41  
ASN CA   C N S 42  
ASN C    C N N 43  
ASN O    O N N 44  
ASN CB   C N N 45  
ASN CG   C N N 46  
ASN OD1  O N N 47  
ASN ND2  N N N 48  
ASN OXT  O N N 49  
ASN H    H N N 50  
ASN H2   H N N 51  
ASN HA   H N N 52  
ASN HB2  H N N 53  
ASN HB3  H N N 54  
ASN HD21 H N N 55  
ASN HD22 H N N 56  
ASN HXT  H N N 57  
ASP N    N N N 58  
ASP CA   C N S 59  
ASP C    C N N 60  
ASP O    O N N 61  
ASP CB   C N N 62  
ASP CG   C N N 63  
ASP OD1  O N N 64  
ASP OD2  O N N 65  
ASP OXT  O N N 66  
ASP H    H N N 67  
ASP H2   H N N 68  
ASP HA   H N N 69  
ASP HB2  H N N 70  
ASP HB3  H N N 71  
ASP HD2  H N N 72  
ASP HXT  H N N 73  
CYS N    N N N 74  
CYS CA   C N R 75  
CYS C    C N N 76  
CYS O    O N N 77  
CYS CB   C N N 78  
CYS SG   S N N 79  
CYS OXT  O N N 80  
CYS H    H N N 81  
CYS H2   H N N 82  
CYS HA   H N N 83  
CYS HB2  H N N 84  
CYS HB3  H N N 85  
CYS HG   H N N 86  
CYS HXT  H N N 87  
GLN N    N N N 88  
GLN CA   C N S 89  
GLN C    C N N 90  
GLN O    O N N 91  
GLN CB   C N N 92  
GLN CG   C N N 93  
GLN CD   C N N 94  
GLN OE1  O N N 95  
GLN NE2  N N N 96  
GLN OXT  O N N 97  
GLN H    H N N 98  
GLN H2   H N N 99  
GLN HA   H N N 100 
GLN HB2  H N N 101 
GLN HB3  H N N 102 
GLN HG2  H N N 103 
GLN HG3  H N N 104 
GLN HE21 H N N 105 
GLN HE22 H N N 106 
GLN HXT  H N N 107 
GLU N    N N N 108 
GLU CA   C N S 109 
GLU C    C N N 110 
GLU O    O N N 111 
GLU CB   C N N 112 
GLU CG   C N N 113 
GLU CD   C N N 114 
GLU OE1  O N N 115 
GLU OE2  O N N 116 
GLU OXT  O N N 117 
GLU H    H N N 118 
GLU H2   H N N 119 
GLU HA   H N N 120 
GLU HB2  H N N 121 
GLU HB3  H N N 122 
GLU HG2  H N N 123 
GLU HG3  H N N 124 
GLU HE2  H N N 125 
GLU HXT  H N N 126 
GLY N    N N N 127 
GLY CA   C N N 128 
GLY C    C N N 129 
GLY O    O N N 130 
GLY OXT  O N N 131 
GLY H    H N N 132 
GLY H2   H N N 133 
GLY HA2  H N N 134 
GLY HA3  H N N 135 
GLY HXT  H N N 136 
HIS N    N N N 137 
HIS CA   C N S 138 
HIS C    C N N 139 
HIS O    O N N 140 
HIS CB   C N N 141 
HIS CG   C Y N 142 
HIS ND1  N Y N 143 
HIS CD2  C Y N 144 
HIS CE1  C Y N 145 
HIS NE2  N Y N 146 
HIS OXT  O N N 147 
HIS H    H N N 148 
HIS H2   H N N 149 
HIS HA   H N N 150 
HIS HB2  H N N 151 
HIS HB3  H N N 152 
HIS HD1  H N N 153 
HIS HD2  H N N 154 
HIS HE1  H N N 155 
HIS HE2  H N N 156 
HIS HXT  H N N 157 
HOH O    O N N 158 
HOH H1   H N N 159 
HOH H2   H N N 160 
ILE N    N N N 161 
ILE CA   C N S 162 
ILE C    C N N 163 
ILE O    O N N 164 
ILE CB   C N S 165 
ILE CG1  C N N 166 
ILE CG2  C N N 167 
ILE CD1  C N N 168 
ILE OXT  O N N 169 
ILE H    H N N 170 
ILE H2   H N N 171 
ILE HA   H N N 172 
ILE HB   H N N 173 
ILE HG12 H N N 174 
ILE HG13 H N N 175 
ILE HG21 H N N 176 
ILE HG22 H N N 177 
ILE HG23 H N N 178 
ILE HD11 H N N 179 
ILE HD12 H N N 180 
ILE HD13 H N N 181 
ILE HXT  H N N 182 
LEU N    N N N 183 
LEU CA   C N S 184 
LEU C    C N N 185 
LEU O    O N N 186 
LEU CB   C N N 187 
LEU CG   C N N 188 
LEU CD1  C N N 189 
LEU CD2  C N N 190 
LEU OXT  O N N 191 
LEU H    H N N 192 
LEU H2   H N N 193 
LEU HA   H N N 194 
LEU HB2  H N N 195 
LEU HB3  H N N 196 
LEU HG   H N N 197 
LEU HD11 H N N 198 
LEU HD12 H N N 199 
LEU HD13 H N N 200 
LEU HD21 H N N 201 
LEU HD22 H N N 202 
LEU HD23 H N N 203 
LEU HXT  H N N 204 
LYS N    N N N 205 
LYS CA   C N S 206 
LYS C    C N N 207 
LYS O    O N N 208 
LYS CB   C N N 209 
LYS CG   C N N 210 
LYS CD   C N N 211 
LYS CE   C N N 212 
LYS NZ   N N N 213 
LYS OXT  O N N 214 
LYS H    H N N 215 
LYS H2   H N N 216 
LYS HA   H N N 217 
LYS HB2  H N N 218 
LYS HB3  H N N 219 
LYS HG2  H N N 220 
LYS HG3  H N N 221 
LYS HD2  H N N 222 
LYS HD3  H N N 223 
LYS HE2  H N N 224 
LYS HE3  H N N 225 
LYS HZ1  H N N 226 
LYS HZ2  H N N 227 
LYS HZ3  H N N 228 
LYS HXT  H N N 229 
MET N    N N N 230 
MET CA   C N S 231 
MET C    C N N 232 
MET O    O N N 233 
MET CB   C N N 234 
MET CG   C N N 235 
MET SD   S N N 236 
MET CE   C N N 237 
MET OXT  O N N 238 
MET H    H N N 239 
MET H2   H N N 240 
MET HA   H N N 241 
MET HB2  H N N 242 
MET HB3  H N N 243 
MET HG2  H N N 244 
MET HG3  H N N 245 
MET HE1  H N N 246 
MET HE2  H N N 247 
MET HE3  H N N 248 
MET HXT  H N N 249 
PHE N    N N N 250 
PHE CA   C N S 251 
PHE C    C N N 252 
PHE O    O N N 253 
PHE CB   C N N 254 
PHE CG   C Y N 255 
PHE CD1  C Y N 256 
PHE CD2  C Y N 257 
PHE CE1  C Y N 258 
PHE CE2  C Y N 259 
PHE CZ   C Y N 260 
PHE OXT  O N N 261 
PHE H    H N N 262 
PHE H2   H N N 263 
PHE HA   H N N 264 
PHE HB2  H N N 265 
PHE HB3  H N N 266 
PHE HD1  H N N 267 
PHE HD2  H N N 268 
PHE HE1  H N N 269 
PHE HE2  H N N 270 
PHE HZ   H N N 271 
PHE HXT  H N N 272 
PRO N    N N N 273 
PRO CA   C N S 274 
PRO C    C N N 275 
PRO O    O N N 276 
PRO CB   C N N 277 
PRO CG   C N N 278 
PRO CD   C N N 279 
PRO OXT  O N N 280 
PRO H    H N N 281 
PRO HA   H N N 282 
PRO HB2  H N N 283 
PRO HB3  H N N 284 
PRO HG2  H N N 285 
PRO HG3  H N N 286 
PRO HD2  H N N 287 
PRO HD3  H N N 288 
PRO HXT  H N N 289 
SER N    N N N 290 
SER CA   C N S 291 
SER C    C N N 292 
SER O    O N N 293 
SER CB   C N N 294 
SER OG   O N N 295 
SER OXT  O N N 296 
SER H    H N N 297 
SER H2   H N N 298 
SER HA   H N N 299 
SER HB2  H N N 300 
SER HB3  H N N 301 
SER HG   H N N 302 
SER HXT  H N N 303 
THR N    N N N 304 
THR CA   C N S 305 
THR C    C N N 306 
THR O    O N N 307 
THR CB   C N R 308 
THR OG1  O N N 309 
THR CG2  C N N 310 
THR OXT  O N N 311 
THR H    H N N 312 
THR H2   H N N 313 
THR HA   H N N 314 
THR HB   H N N 315 
THR HG1  H N N 316 
THR HG21 H N N 317 
THR HG22 H N N 318 
THR HG23 H N N 319 
THR HXT  H N N 320 
TYR N    N N N 321 
TYR CA   C N S 322 
TYR C    C N N 323 
TYR O    O N N 324 
TYR CB   C N N 325 
TYR CG   C Y N 326 
TYR CD1  C Y N 327 
TYR CD2  C Y N 328 
TYR CE1  C Y N 329 
TYR CE2  C Y N 330 
TYR CZ   C Y N 331 
TYR OH   O N N 332 
TYR OXT  O N N 333 
TYR H    H N N 334 
TYR H2   H N N 335 
TYR HA   H N N 336 
TYR HB2  H N N 337 
TYR HB3  H N N 338 
TYR HD1  H N N 339 
TYR HD2  H N N 340 
TYR HE1  H N N 341 
TYR HE2  H N N 342 
TYR HH   H N N 343 
TYR HXT  H N N 344 
VAL N    N N N 345 
VAL CA   C N S 346 
VAL C    C N N 347 
VAL O    O N N 348 
VAL CB   C N N 349 
VAL CG1  C N N 350 
VAL CG2  C N N 351 
VAL OXT  O N N 352 
VAL H    H N N 353 
VAL H2   H N N 354 
VAL HA   H N N 355 
VAL HB   H N N 356 
VAL HG11 H N N 357 
VAL HG12 H N N 358 
VAL HG13 H N N 359 
VAL HG21 H N N 360 
VAL HG22 H N N 361 
VAL HG23 H N N 362 
VAL HXT  H N N 363 
# 
loop_
_chem_comp_bond.comp_id 
_chem_comp_bond.atom_id_1 
_chem_comp_bond.atom_id_2 
_chem_comp_bond.value_order 
_chem_comp_bond.pdbx_aromatic_flag 
_chem_comp_bond.pdbx_stereo_config 
_chem_comp_bond.pdbx_ordinal 
ALA N   CA   sing N N 1   
ALA N   H    sing N N 2   
ALA N   H2   sing N N 3   
ALA CA  C    sing N N 4   
ALA CA  CB   sing N N 5   
ALA CA  HA   sing N N 6   
ALA C   O    doub N N 7   
ALA C   OXT  sing N N 8   
ALA CB  HB1  sing N N 9   
ALA CB  HB2  sing N N 10  
ALA CB  HB3  sing N N 11  
ALA OXT HXT  sing N N 12  
ARG N   CA   sing N N 13  
ARG N   H    sing N N 14  
ARG N   H2   sing N N 15  
ARG CA  C    sing N N 16  
ARG CA  CB   sing N N 17  
ARG CA  HA   sing N N 18  
ARG C   O    doub N N 19  
ARG C   OXT  sing N N 20  
ARG CB  CG   sing N N 21  
ARG CB  HB2  sing N N 22  
ARG CB  HB3  sing N N 23  
ARG CG  CD   sing N N 24  
ARG CG  HG2  sing N N 25  
ARG CG  HG3  sing N N 26  
ARG CD  NE   sing N N 27  
ARG CD  HD2  sing N N 28  
ARG CD  HD3  sing N N 29  
ARG NE  CZ   sing N N 30  
ARG NE  HE   sing N N 31  
ARG CZ  NH1  sing N N 32  
ARG CZ  NH2  doub N N 33  
ARG NH1 HH11 sing N N 34  
ARG NH1 HH12 sing N N 35  
ARG NH2 HH21 sing N N 36  
ARG NH2 HH22 sing N N 37  
ARG OXT HXT  sing N N 38  
ASN N   CA   sing N N 39  
ASN N   H    sing N N 40  
ASN N   H2   sing N N 41  
ASN CA  C    sing N N 42  
ASN CA  CB   sing N N 43  
ASN CA  HA   sing N N 44  
ASN C   O    doub N N 45  
ASN C   OXT  sing N N 46  
ASN CB  CG   sing N N 47  
ASN CB  HB2  sing N N 48  
ASN CB  HB3  sing N N 49  
ASN CG  OD1  doub N N 50  
ASN CG  ND2  sing N N 51  
ASN ND2 HD21 sing N N 52  
ASN ND2 HD22 sing N N 53  
ASN OXT HXT  sing N N 54  
ASP N   CA   sing N N 55  
ASP N   H    sing N N 56  
ASP N   H2   sing N N 57  
ASP CA  C    sing N N 58  
ASP CA  CB   sing N N 59  
ASP CA  HA   sing N N 60  
ASP C   O    doub N N 61  
ASP C   OXT  sing N N 62  
ASP CB  CG   sing N N 63  
ASP CB  HB2  sing N N 64  
ASP CB  HB3  sing N N 65  
ASP CG  OD1  doub N N 66  
ASP CG  OD2  sing N N 67  
ASP OD2 HD2  sing N N 68  
ASP OXT HXT  sing N N 69  
CYS N   CA   sing N N 70  
CYS N   H    sing N N 71  
CYS N   H2   sing N N 72  
CYS CA  C    sing N N 73  
CYS CA  CB   sing N N 74  
CYS CA  HA   sing N N 75  
CYS C   O    doub N N 76  
CYS C   OXT  sing N N 77  
CYS CB  SG   sing N N 78  
CYS CB  HB2  sing N N 79  
CYS CB  HB3  sing N N 80  
CYS SG  HG   sing N N 81  
CYS OXT HXT  sing N N 82  
GLN N   CA   sing N N 83  
GLN N   H    sing N N 84  
GLN N   H2   sing N N 85  
GLN CA  C    sing N N 86  
GLN CA  CB   sing N N 87  
GLN CA  HA   sing N N 88  
GLN C   O    doub N N 89  
GLN C   OXT  sing N N 90  
GLN CB  CG   sing N N 91  
GLN CB  HB2  sing N N 92  
GLN CB  HB3  sing N N 93  
GLN CG  CD   sing N N 94  
GLN CG  HG2  sing N N 95  
GLN CG  HG3  sing N N 96  
GLN CD  OE1  doub N N 97  
GLN CD  NE2  sing N N 98  
GLN NE2 HE21 sing N N 99  
GLN NE2 HE22 sing N N 100 
GLN OXT HXT  sing N N 101 
GLU N   CA   sing N N 102 
GLU N   H    sing N N 103 
GLU N   H2   sing N N 104 
GLU CA  C    sing N N 105 
GLU CA  CB   sing N N 106 
GLU CA  HA   sing N N 107 
GLU C   O    doub N N 108 
GLU C   OXT  sing N N 109 
GLU CB  CG   sing N N 110 
GLU CB  HB2  sing N N 111 
GLU CB  HB3  sing N N 112 
GLU CG  CD   sing N N 113 
GLU CG  HG2  sing N N 114 
GLU CG  HG3  sing N N 115 
GLU CD  OE1  doub N N 116 
GLU CD  OE2  sing N N 117 
GLU OE2 HE2  sing N N 118 
GLU OXT HXT  sing N N 119 
GLY N   CA   sing N N 120 
GLY N   H    sing N N 121 
GLY N   H2   sing N N 122 
GLY CA  C    sing N N 123 
GLY CA  HA2  sing N N 124 
GLY CA  HA3  sing N N 125 
GLY C   O    doub N N 126 
GLY C   OXT  sing N N 127 
GLY OXT HXT  sing N N 128 
HIS N   CA   sing N N 129 
HIS N   H    sing N N 130 
HIS N   H2   sing N N 131 
HIS CA  C    sing N N 132 
HIS CA  CB   sing N N 133 
HIS CA  HA   sing N N 134 
HIS C   O    doub N N 135 
HIS C   OXT  sing N N 136 
HIS CB  CG   sing N N 137 
HIS CB  HB2  sing N N 138 
HIS CB  HB3  sing N N 139 
HIS CG  ND1  sing Y N 140 
HIS CG  CD2  doub Y N 141 
HIS ND1 CE1  doub Y N 142 
HIS ND1 HD1  sing N N 143 
HIS CD2 NE2  sing Y N 144 
HIS CD2 HD2  sing N N 145 
HIS CE1 NE2  sing Y N 146 
HIS CE1 HE1  sing N N 147 
HIS NE2 HE2  sing N N 148 
HIS OXT HXT  sing N N 149 
HOH O   H1   sing N N 150 
HOH O   H2   sing N N 151 
ILE N   CA   sing N N 152 
ILE N   H    sing N N 153 
ILE N   H2   sing N N 154 
ILE CA  C    sing N N 155 
ILE CA  CB   sing N N 156 
ILE CA  HA   sing N N 157 
ILE C   O    doub N N 158 
ILE C   OXT  sing N N 159 
ILE CB  CG1  sing N N 160 
ILE CB  CG2  sing N N 161 
ILE CB  HB   sing N N 162 
ILE CG1 CD1  sing N N 163 
ILE CG1 HG12 sing N N 164 
ILE CG1 HG13 sing N N 165 
ILE CG2 HG21 sing N N 166 
ILE CG2 HG22 sing N N 167 
ILE CG2 HG23 sing N N 168 
ILE CD1 HD11 sing N N 169 
ILE CD1 HD12 sing N N 170 
ILE CD1 HD13 sing N N 171 
ILE OXT HXT  sing N N 172 
LEU N   CA   sing N N 173 
LEU N   H    sing N N 174 
LEU N   H2   sing N N 175 
LEU CA  C    sing N N 176 
LEU CA  CB   sing N N 177 
LEU CA  HA   sing N N 178 
LEU C   O    doub N N 179 
LEU C   OXT  sing N N 180 
LEU CB  CG   sing N N 181 
LEU CB  HB2  sing N N 182 
LEU CB  HB3  sing N N 183 
LEU CG  CD1  sing N N 184 
LEU CG  CD2  sing N N 185 
LEU CG  HG   sing N N 186 
LEU CD1 HD11 sing N N 187 
LEU CD1 HD12 sing N N 188 
LEU CD1 HD13 sing N N 189 
LEU CD2 HD21 sing N N 190 
LEU CD2 HD22 sing N N 191 
LEU CD2 HD23 sing N N 192 
LEU OXT HXT  sing N N 193 
LYS N   CA   sing N N 194 
LYS N   H    sing N N 195 
LYS N   H2   sing N N 196 
LYS CA  C    sing N N 197 
LYS CA  CB   sing N N 198 
LYS CA  HA   sing N N 199 
LYS C   O    doub N N 200 
LYS C   OXT  sing N N 201 
LYS CB  CG   sing N N 202 
LYS CB  HB2  sing N N 203 
LYS CB  HB3  sing N N 204 
LYS CG  CD   sing N N 205 
LYS CG  HG2  sing N N 206 
LYS CG  HG3  sing N N 207 
LYS CD  CE   sing N N 208 
LYS CD  HD2  sing N N 209 
LYS CD  HD3  sing N N 210 
LYS CE  NZ   sing N N 211 
LYS CE  HE2  sing N N 212 
LYS CE  HE3  sing N N 213 
LYS NZ  HZ1  sing N N 214 
LYS NZ  HZ2  sing N N 215 
LYS NZ  HZ3  sing N N 216 
LYS OXT HXT  sing N N 217 
MET N   CA   sing N N 218 
MET N   H    sing N N 219 
MET N   H2   sing N N 220 
MET CA  C    sing N N 221 
MET CA  CB   sing N N 222 
MET CA  HA   sing N N 223 
MET C   O    doub N N 224 
MET C   OXT  sing N N 225 
MET CB  CG   sing N N 226 
MET CB  HB2  sing N N 227 
MET CB  HB3  sing N N 228 
MET CG  SD   sing N N 229 
MET CG  HG2  sing N N 230 
MET CG  HG3  sing N N 231 
MET SD  CE   sing N N 232 
MET CE  HE1  sing N N 233 
MET CE  HE2  sing N N 234 
MET CE  HE3  sing N N 235 
MET OXT HXT  sing N N 236 
PHE N   CA   sing N N 237 
PHE N   H    sing N N 238 
PHE N   H2   sing N N 239 
PHE CA  C    sing N N 240 
PHE CA  CB   sing N N 241 
PHE CA  HA   sing N N 242 
PHE C   O    doub N N 243 
PHE C   OXT  sing N N 244 
PHE CB  CG   sing N N 245 
PHE CB  HB2  sing N N 246 
PHE CB  HB3  sing N N 247 
PHE CG  CD1  doub Y N 248 
PHE CG  CD2  sing Y N 249 
PHE CD1 CE1  sing Y N 250 
PHE CD1 HD1  sing N N 251 
PHE CD2 CE2  doub Y N 252 
PHE CD2 HD2  sing N N 253 
PHE CE1 CZ   doub Y N 254 
PHE CE1 HE1  sing N N 255 
PHE CE2 CZ   sing Y N 256 
PHE CE2 HE2  sing N N 257 
PHE CZ  HZ   sing N N 258 
PHE OXT HXT  sing N N 259 
PRO N   CA   sing N N 260 
PRO N   CD   sing N N 261 
PRO N   H    sing N N 262 
PRO CA  C    sing N N 263 
PRO CA  CB   sing N N 264 
PRO CA  HA   sing N N 265 
PRO C   O    doub N N 266 
PRO C   OXT  sing N N 267 
PRO CB  CG   sing N N 268 
PRO CB  HB2  sing N N 269 
PRO CB  HB3  sing N N 270 
PRO CG  CD   sing N N 271 
PRO CG  HG2  sing N N 272 
PRO CG  HG3  sing N N 273 
PRO CD  HD2  sing N N 274 
PRO CD  HD3  sing N N 275 
PRO OXT HXT  sing N N 276 
SER N   CA   sing N N 277 
SER N   H    sing N N 278 
SER N   H2   sing N N 279 
SER CA  C    sing N N 280 
SER CA  CB   sing N N 281 
SER CA  HA   sing N N 282 
SER C   O    doub N N 283 
SER C   OXT  sing N N 284 
SER CB  OG   sing N N 285 
SER CB  HB2  sing N N 286 
SER CB  HB3  sing N N 287 
SER OG  HG   sing N N 288 
SER OXT HXT  sing N N 289 
THR N   CA   sing N N 290 
THR N   H    sing N N 291 
THR N   H2   sing N N 292 
THR CA  C    sing N N 293 
THR CA  CB   sing N N 294 
THR CA  HA   sing N N 295 
THR C   O    doub N N 296 
THR C   OXT  sing N N 297 
THR CB  OG1  sing N N 298 
THR CB  CG2  sing N N 299 
THR CB  HB   sing N N 300 
THR OG1 HG1  sing N N 301 
THR CG2 HG21 sing N N 302 
THR CG2 HG22 sing N N 303 
THR CG2 HG23 sing N N 304 
THR OXT HXT  sing N N 305 
TYR N   CA   sing N N 306 
TYR N   H    sing N N 307 
TYR N   H2   sing N N 308 
TYR CA  C    sing N N 309 
TYR CA  CB   sing N N 310 
TYR CA  HA   sing N N 311 
TYR C   O    doub N N 312 
TYR C   OXT  sing N N 313 
TYR CB  CG   sing N N 314 
TYR CB  HB2  sing N N 315 
TYR CB  HB3  sing N N 316 
TYR CG  CD1  doub Y N 317 
TYR CG  CD2  sing Y N 318 
TYR CD1 CE1  sing Y N 319 
TYR CD1 HD1  sing N N 320 
TYR CD2 CE2  doub Y N 321 
TYR CD2 HD2  sing N N 322 
TYR CE1 CZ   doub Y N 323 
TYR CE1 HE1  sing N N 324 
TYR CE2 CZ   sing Y N 325 
TYR CE2 HE2  sing N N 326 
TYR CZ  OH   sing N N 327 
TYR OH  HH   sing N N 328 
TYR OXT HXT  sing N N 329 
VAL N   CA   sing N N 330 
VAL N   H    sing N N 331 
VAL N   H2   sing N N 332 
VAL CA  C    sing N N 333 
VAL CA  CB   sing N N 334 
VAL CA  HA   sing N N 335 
VAL C   O    doub N N 336 
VAL C   OXT  sing N N 337 
VAL CB  CG1  sing N N 338 
VAL CB  CG2  sing N N 339 
VAL CB  HB   sing N N 340 
VAL CG1 HG11 sing N N 341 
VAL CG1 HG12 sing N N 342 
VAL CG1 HG13 sing N N 343 
VAL CG2 HG21 sing N N 344 
VAL CG2 HG22 sing N N 345 
VAL CG2 HG23 sing N N 346 
VAL OXT HXT  sing N N 347 
# 
_pdbx_initial_refinement_model.id               1 
_pdbx_initial_refinement_model.entity_id_list   ? 
_pdbx_initial_refinement_model.type             'experimental model' 
_pdbx_initial_refinement_model.source_name      PDB 
_pdbx_initial_refinement_model.accession_code   2EGO 
_pdbx_initial_refinement_model.details          'PDB ENTRY 2EGO' 
# 
_atom_sites.entry_id                    2EGN 
_atom_sites.fract_transf_matrix[1][1]   -0.01282597 
_atom_sites.fract_transf_matrix[1][2]   0.00309555 
_atom_sites.fract_transf_matrix[1][3]   -0.00091604 
_atom_sites.fract_transf_matrix[2][1]   0.00274557 
_atom_sites.fract_transf_matrix[2][2]   0.01243399 
_atom_sites.fract_transf_matrix[2][3]   0.00357559 
_atom_sites.fract_transf_matrix[3][1]   0.00160112 
_atom_sites.fract_transf_matrix[3][2]   0.00309020 
_atom_sites.fract_transf_matrix[3][3]   -0.01197551 
_atom_sites.fract_transf_vector[1]      0.247157 
_atom_sites.fract_transf_vector[2]      0.894048 
_atom_sites.fract_transf_vector[3]      -0.393429 
# 
loop_
_atom_type.symbol 
C 
N 
O 
# 
loop_
_atom_site.group_PDB 
_atom_site.id 
_atom_site.type_symbol 
_atom_site.label_atom_id 
_atom_site.label_alt_id 
_atom_site.label_comp_id 
_atom_site.label_asym_id 
_atom_site.label_entity_id 
_atom_site.label_seq_id 
_atom_site.pdbx_PDB_ins_code 
_atom_site.Cartn_x 
_atom_site.Cartn_y 
_atom_site.Cartn_z 
_atom_site.occupancy 
_atom_site.B_iso_or_equiv 
_atom_site.pdbx_formal_charge 
_atom_site.auth_seq_id 
_atom_site.auth_comp_id 
_atom_site.auth_asym_id 
_atom_site.auth_atom_id 
_atom_site.pdbx_PDB_model_num 
ATOM   1   N N   . GLN A 1 3  ? -10.964 2.282   11.493  1.00 75.74 ? 96  GLN A N   1 
ATOM   2   C CA  . GLN A 1 3  ? -12.217 3.088   11.266  1.00 76.34 ? 96  GLN A CA  1 
ATOM   3   C C   . GLN A 1 3  ? -12.799 2.812   9.892   1.00 76.09 ? 96  GLN A C   1 
ATOM   4   O O   . GLN A 1 3  ? -12.711 1.684   9.398   1.00 75.66 ? 96  GLN A O   1 
ATOM   5   N N   . GLN A 1 4  ? -13.384 3.835   9.269   1.00 75.65 ? 97  GLN A N   1 
ATOM   6   C CA  . GLN A 1 4  ? -13.976 3.688   7.942   1.00 75.84 ? 97  GLN A CA  1 
ATOM   7   C C   . GLN A 1 4  ? -12.894 3.493   6.864   1.00 75.71 ? 97  GLN A C   1 
ATOM   8   O O   . GLN A 1 4  ? -11.864 2.843   7.111   1.00 75.84 ? 97  GLN A O   1 
ATOM   9   C CB  . GLN A 1 4  ? -14.829 4.916   7.625   1.00 74.63 ? 97  GLN A CB  1 
ATOM   10  N N   . ARG A 1 5  ? -13.121 4.049   5.672   1.00 74.66 ? 98  ARG A N   1 
ATOM   11  C CA  . ARG A 1 5  ? -12.152 3.923   4.581   1.00 71.86 ? 98  ARG A CA  1 
ATOM   12  C C   . ARG A 1 5  ? -10.890 4.705   4.918   1.00 70.72 ? 98  ARG A C   1 
ATOM   13  O O   . ARG A 1 5  ? -10.627 4.999   6.089   1.00 70.41 ? 98  ARG A O   1 
ATOM   14  C CB  . ARG A 1 5  ? -12.752 4.445   3.275   1.00 72.55 ? 98  ARG A CB  1 
ATOM   15  N N   . LYS A 1 6  ? -10.116 5.049   3.884   1.00 68.60 ? 99  LYS A N   1 
ATOM   16  C CA  . LYS A 1 6  ? -8.864  5.793   4.060   1.00 64.52 ? 99  LYS A CA  1 
ATOM   17  C C   . LYS A 1 6  ? -8.272  6.025   2.686   1.00 61.64 ? 99  LYS A C   1 
ATOM   18  O O   . LYS A 1 6  ? -7.971  5.073   1.967   1.00 61.42 ? 99  LYS A O   1 
ATOM   19  C CB  . LYS A 1 6  ? -7.888  4.975   4.920   1.00 65.37 ? 99  LYS A CB  1 
ATOM   20  C CG  . LYS A 1 6  ? -6.567  5.664   5.317   1.00 66.27 ? 99  LYS A CG  1 
ATOM   21  C CD  . LYS A 1 6  ? -5.868  4.798   6.372   1.00 65.35 ? 99  LYS A CD  1 
ATOM   22  C CE  . LYS A 1 6  ? -4.516  5.311   6.787   1.00 64.81 ? 99  LYS A CE  1 
ATOM   23  N NZ  . LYS A 1 6  ? -3.885  4.307   7.729   1.00 65.17 ? 99  LYS A NZ  1 
ATOM   24  N N   . VAL A 1 7  ? -8.127  7.294   2.323   1.00 58.98 ? 100 VAL A N   1 
ATOM   25  C CA  . VAL A 1 7  ? -7.579  7.678   1.034   1.00 55.83 ? 100 VAL A CA  1 
ATOM   26  C C   . VAL A 1 7  ? -6.256  8.354   1.291   1.00 54.61 ? 100 VAL A C   1 
ATOM   27  O O   . VAL A 1 7  ? -6.126  9.112   2.244   1.00 56.39 ? 100 VAL A O   1 
ATOM   28  C CB  . VAL A 1 7  ? -8.502  8.670   0.296   1.00 55.03 ? 100 VAL A CB  1 
ATOM   29  C CG1 . VAL A 1 7  ? -7.864  9.118   -1.000  1.00 53.47 ? 100 VAL A CG1 1 
ATOM   30  C CG2 . VAL A 1 7  ? -9.829  8.020   0.012   1.00 54.86 ? 100 VAL A CG2 1 
ATOM   31  N N   . LEU A 1 8  ? -5.277  8.082   0.439   1.00 52.23 ? 101 LEU A N   1 
ATOM   32  C CA  . LEU A 1 8  ? -3.967  8.673   0.603   1.00 51.79 ? 101 LEU A CA  1 
ATOM   33  C C   . LEU A 1 8  ? -3.154  8.699   -0.669  1.00 51.57 ? 101 LEU A C   1 
ATOM   34  O O   . LEU A 1 8  ? -3.351  7.904   -1.577  1.00 49.97 ? 101 LEU A O   1 
ATOM   35  C CB  . LEU A 1 8  ? -3.179  7.943   1.697   1.00 51.91 ? 101 LEU A CB  1 
ATOM   36  C CG  . LEU A 1 8  ? -3.309  6.425   1.787   1.00 52.56 ? 101 LEU A CG  1 
ATOM   37  C CD1 . LEU A 1 8  ? -1.958  5.826   2.046   1.00 53.04 ? 101 LEU A CD1 1 
ATOM   38  C CD2 . LEU A 1 8  ? -4.290  6.045   2.876   1.00 50.85 ? 101 LEU A CD2 1 
ATOM   39  N N   . THR A 1 9  ? -2.218  9.628   -0.715  1.00 51.01 ? 102 THR A N   1 
ATOM   40  C CA  . THR A 1 9  ? -1.385  9.770   -1.874  1.00 50.75 ? 102 THR A CA  1 
ATOM   41  C C   . THR A 1 9  ? 0.070   9.775   -1.478  1.00 50.86 ? 102 THR A C   1 
ATOM   42  O O   . THR A 1 9  ? 0.497   10.572  -0.636  1.00 52.47 ? 102 THR A O   1 
ATOM   43  C CB  . THR A 1 9  ? -1.689  11.072  -2.589  1.00 51.06 ? 102 THR A CB  1 
ATOM   44  O OG1 . THR A 1 9  ? -3.105  11.239  -2.680  1.00 52.15 ? 102 THR A OG1 1 
ATOM   45  C CG2 . THR A 1 9  ? -1.103  11.048  -3.972  1.00 52.53 ? 102 THR A CG2 1 
ATOM   46  N N   . LEU A 1 10 ? 0.834   8.877   -2.084  1.00 50.63 ? 103 LEU A N   1 
ATOM   47  C CA  . LEU A 1 10 ? 2.256   8.798   -1.809  1.00 51.22 ? 103 LEU A CA  1 
ATOM   48  C C   . LEU A 1 10 ? 2.990   9.437   -2.974  1.00 52.96 ? 103 LEU A C   1 
ATOM   49  O O   . LEU A 1 10 ? 2.580   9.322   -4.131  1.00 53.56 ? 103 LEU A O   1 
ATOM   50  C CB  . LEU A 1 10 ? 2.710   7.346   -1.638  1.00 49.92 ? 103 LEU A CB  1 
ATOM   51  C CG  . LEU A 1 10 ? 2.290   6.586   -0.384  1.00 48.84 ? 103 LEU A CG  1 
ATOM   52  C CD1 . LEU A 1 10 ? 0.792   6.431   -0.317  1.00 48.12 ? 103 LEU A CD1 1 
ATOM   53  C CD2 . LEU A 1 10 ? 2.953   5.232   -0.419  1.00 47.19 ? 103 LEU A CD2 1 
ATOM   54  N N   . GLU A 1 11 ? 4.080   10.113  -2.651  1.00 54.27 ? 104 GLU A N   1 
ATOM   55  C CA  . GLU A 1 11 ? 4.897   10.801  -3.628  1.00 56.65 ? 104 GLU A CA  1 
ATOM   56  C C   . GLU A 1 11 ? 6.319   10.490  -3.213  1.00 55.31 ? 104 GLU A C   1 
ATOM   57  O O   . GLU A 1 11 ? 6.711   10.773  -2.080  1.00 52.39 ? 104 GLU A O   1 
ATOM   58  C CB  . GLU A 1 11 ? 4.606   12.298  -3.533  1.00 59.84 ? 104 GLU A CB  1 
ATOM   59  C CG  . GLU A 1 11 ? 4.182   12.719  -2.118  1.00 65.82 ? 104 GLU A CG  1 
ATOM   60  C CD  . GLU A 1 11 ? 2.844   13.465  -2.084  1.00 70.83 ? 104 GLU A CD  1 
ATOM   61  O OE1 . GLU A 1 11 ? 2.777   14.597  -2.635  1.00 71.53 ? 104 GLU A OE1 1 
ATOM   62  O OE2 . GLU A 1 11 ? 1.862   12.923  -1.503  1.00 71.13 ? 104 GLU A OE2 1 
ATOM   63  N N   . LYS A 1 12 ? 7.097   9.917   -4.125  1.00 55.86 ? 105 LYS A N   1 
ATOM   64  C CA  . LYS A 1 12 ? 8.459   9.535   -3.788  1.00 55.82 ? 105 LYS A CA  1 
ATOM   65  C C   . LYS A 1 12 ? 9.575   10.207  -4.583  1.00 55.88 ? 105 LYS A C   1 
ATOM   66  O O   . LYS A 1 12 ? 9.339   11.017  -5.473  1.00 54.33 ? 105 LYS A O   1 
ATOM   67  C CB  . LYS A 1 12 ? 8.603   8.013   -3.921  1.00 54.49 ? 105 LYS A CB  1 
ATOM   68  C CG  . LYS A 1 12 ? 8.662   7.505   -5.362  1.00 54.75 ? 105 LYS A CG  1 
ATOM   69  C CD  . LYS A 1 12 ? 8.927   5.995   -5.405  1.00 54.57 ? 105 LYS A CD  1 
ATOM   70  C CE  . LYS A 1 12 ? 9.389   5.531   -6.780  1.00 53.77 ? 105 LYS A CE  1 
ATOM   71  N NZ  . LYS A 1 12 ? 10.736  6.063   -7.087  1.00 55.26 ? 105 LYS A NZ  1 
ATOM   72  N N   . GLY A 1 13 ? 10.808  9.861   -4.225  1.00 59.04 ? 106 GLY A N   1 
ATOM   73  C CA  . GLY A 1 13 ? 11.958  10.396  -4.926  1.00 60.49 ? 106 GLY A CA  1 
ATOM   74  C C   . GLY A 1 13 ? 12.077  9.581   -6.195  1.00 62.51 ? 106 GLY A C   1 
ATOM   75  O O   . GLY A 1 13 ? 11.446  8.517   -6.308  1.00 62.86 ? 106 GLY A O   1 
ATOM   76  N N   . ASP A 1 14 ? 12.885  10.039  -7.141  1.00 62.25 ? 107 ASP A N   1 
ATOM   77  C CA  . ASP A 1 14 ? 12.999  9.315   -8.392  1.00 64.15 ? 107 ASP A CA  1 
ATOM   78  C C   . ASP A 1 14 ? 13.768  8.001   -8.360  1.00 64.29 ? 107 ASP A C   1 
ATOM   79  O O   . ASP A 1 14 ? 13.599  7.163   -9.252  1.00 65.17 ? 107 ASP A O   1 
ATOM   80  C CB  . ASP A 1 14 ? 13.590  10.214  -9.468  1.00 66.07 ? 107 ASP A CB  1 
ATOM   81  C CG  . ASP A 1 14 ? 12.857  10.075  -10.773 1.00 67.15 ? 107 ASP A CG  1 
ATOM   82  O OD1 . ASP A 1 14 ? 11.751  10.651  -10.890 1.00 67.79 ? 107 ASP A OD1 1 
ATOM   83  O OD2 . ASP A 1 14 ? 13.368  9.370   -11.669 1.00 68.05 ? 107 ASP A OD2 1 
ATOM   84  N N   . ASN A 1 15 ? 14.606  7.811   -7.348  1.00 63.73 ? 108 ASN A N   1 
ATOM   85  C CA  . ASN A 1 15 ? 15.384  6.580   -7.243  1.00 63.12 ? 108 ASN A CA  1 
ATOM   86  C C   . ASN A 1 15 ? 15.193  5.906   -5.889  1.00 61.80 ? 108 ASN A C   1 
ATOM   87  O O   . ASN A 1 15 ? 15.999  5.079   -5.471  1.00 62.68 ? 108 ASN A O   1 
ATOM   88  C CB  . ASN A 1 15 ? 16.856  6.882   -7.458  1.00 64.93 ? 108 ASN A CB  1 
ATOM   89  C CG  . ASN A 1 15 ? 17.360  7.949   -6.522  1.00 68.03 ? 108 ASN A CG  1 
ATOM   90  O OD1 . ASN A 1 15 ? 18.506  8.419   -6.644  1.00 70.44 ? 108 ASN A OD1 1 
ATOM   91  N ND2 . ASN A 1 15 ? 16.514  8.345   -5.571  1.00 66.98 ? 108 ASN A ND2 1 
ATOM   92  N N   . GLN A 1 16 ? 14.127  6.279   -5.201  1.00 59.06 ? 109 GLN A N   1 
ATOM   93  C CA  . GLN A 1 16 ? 13.826  5.691   -3.912  1.00 55.58 ? 109 GLN A CA  1 
ATOM   94  C C   . GLN A 1 16 ? 12.531  4.884   -4.053  1.00 51.97 ? 109 GLN A C   1 
ATOM   95  O O   . GLN A 1 16 ? 11.897  4.880   -5.114  1.00 47.48 ? 109 GLN A O   1 
ATOM   96  C CB  . GLN A 1 16 ? 13.661  6.790   -2.856  1.00 56.42 ? 109 GLN A CB  1 
ATOM   97  C CG  . GLN A 1 16 ? 12.262  7.399   -2.777  1.00 58.50 ? 109 GLN A CG  1 
ATOM   98  C CD  . GLN A 1 16 ? 12.216  8.661   -1.924  1.00 58.74 ? 109 GLN A CD  1 
ATOM   99  O OE1 . GLN A 1 16 ? 12.722  9.704   -2.325  1.00 60.01 ? 109 GLN A OE1 1 
ATOM   100 N NE2 . GLN A 1 16 ? 11.614  8.566   -0.744  1.00 58.07 ? 109 GLN A NE2 1 
ATOM   101 N N   . THR A 1 17 ? 12.152  4.201   -2.984  1.00 47.98 ? 110 THR A N   1 
ATOM   102 C CA  . THR A 1 17 ? 10.936  3.401   -2.980  1.00 46.50 ? 110 THR A CA  1 
ATOM   103 C C   . THR A 1 17 ? 9.833   4.119   -2.221  1.00 46.70 ? 110 THR A C   1 
ATOM   104 O O   . THR A 1 17 ? 10.079  5.125   -1.565  1.00 45.34 ? 110 THR A O   1 
ATOM   105 C CB  . THR A 1 17 ? 11.168  2.058   -2.292  1.00 45.88 ? 110 THR A CB  1 
ATOM   106 O OG1 . THR A 1 17 ? 11.666  2.287   -0.967  1.00 42.98 ? 110 THR A OG1 1 
ATOM   107 C CG2 . THR A 1 17 ? 12.159  1.235   -3.068  1.00 47.04 ? 110 THR A CG2 1 
ATOM   108 N N   . PHE A 1 18 ? 8.616   3.596   -2.318  1.00 46.72 ? 111 PHE A N   1 
ATOM   109 C CA  . PHE A 1 18 ? 7.493   4.177   -1.599  1.00 44.72 ? 111 PHE A CA  1 
ATOM   110 C C   . PHE A 1 18 ? 7.635   3.797   -0.128  1.00 43.50 ? 111 PHE A C   1 
ATOM   111 O O   . PHE A 1 18 ? 7.110   4.469   0.750   1.00 43.71 ? 111 PHE A O   1 
ATOM   112 C CB  . PHE A 1 18 ? 6.172   3.664   -2.170  1.00 44.50 ? 111 PHE A CB  1 
ATOM   113 C CG  . PHE A 1 18 ? 5.765   4.344   -3.451  1.00 43.69 ? 111 PHE A CG  1 
ATOM   114 C CD1 . PHE A 1 18 ? 5.442   5.694   -3.459  1.00 43.97 ? 111 PHE A CD1 1 
ATOM   115 C CD2 . PHE A 1 18 ? 5.705   3.634   -4.642  1.00 44.22 ? 111 PHE A CD2 1 
ATOM   116 C CE1 . PHE A 1 18 ? 5.064   6.327   -4.629  1.00 45.60 ? 111 PHE A CE1 1 
ATOM   117 C CE2 . PHE A 1 18 ? 5.329   4.250   -5.818  1.00 43.01 ? 111 PHE A CE2 1 
ATOM   118 C CZ  . PHE A 1 18 ? 5.007   5.602   -5.819  1.00 46.60 ? 111 PHE A CZ  1 
ATOM   119 N N   . GLY A 1 19 ? 8.346   2.708   0.130   1.00 42.41 ? 112 GLY A N   1 
ATOM   120 C CA  . GLY A 1 19 ? 8.573   2.288   1.499   1.00 40.63 ? 112 GLY A CA  1 
ATOM   121 C C   . GLY A 1 19 ? 7.571   1.385   2.195   1.00 40.94 ? 112 GLY A C   1 
ATOM   122 O O   . GLY A 1 19 ? 7.241   1.617   3.351   1.00 41.61 ? 112 GLY A O   1 
ATOM   123 N N   . PHE A 1 20 ? 7.064   0.368   1.515   1.00 39.75 ? 113 PHE A N   1 
ATOM   124 C CA  . PHE A 1 20 ? 6.158   -0.569  2.158   1.00 36.79 ? 113 PHE A CA  1 
ATOM   125 C C   . PHE A 1 20 ? 6.138   -1.911  1.459   1.00 37.80 ? 113 PHE A C   1 
ATOM   126 O O   . PHE A 1 20 ? 6.459   -2.025  0.279   1.00 36.81 ? 113 PHE A O   1 
ATOM   127 C CB  . PHE A 1 20 ? 4.731   -0.011  2.300   1.00 36.72 ? 113 PHE A CB  1 
ATOM   128 C CG  . PHE A 1 20 ? 3.981   0.162   1.003   1.00 35.78 ? 113 PHE A CG  1 
ATOM   129 C CD1 . PHE A 1 20 ? 4.192   1.271   0.201   1.00 33.82 ? 113 PHE A CD1 1 
ATOM   130 C CD2 . PHE A 1 20 ? 3.013   -0.758  0.621   1.00 36.98 ? 113 PHE A CD2 1 
ATOM   131 C CE1 . PHE A 1 20 ? 3.447   1.459   -0.957  1.00 35.03 ? 113 PHE A CE1 1 
ATOM   132 C CE2 . PHE A 1 20 ? 2.266   -0.569  -0.537  1.00 37.28 ? 113 PHE A CE2 1 
ATOM   133 C CZ  . PHE A 1 20 ? 2.487   0.544   -1.322  1.00 36.03 ? 113 PHE A CZ  1 
ATOM   134 N N   . GLU A 1 21 ? 5.791   -2.937  2.219   1.00 37.90 ? 114 GLU A N   1 
ATOM   135 C CA  . GLU A 1 21 ? 5.732   -4.277  1.690   1.00 38.73 ? 114 GLU A CA  1 
ATOM   136 C C   . GLU A 1 21 ? 4.315   -4.759  1.771   1.00 38.33 ? 114 GLU A C   1 
ATOM   137 O O   . GLU A 1 21 ? 3.582   -4.371  2.671   1.00 38.55 ? 114 GLU A O   1 
ATOM   138 C CB  . GLU A 1 21 ? 6.640   -5.196  2.492   1.00 39.44 ? 114 GLU A CB  1 
ATOM   139 C CG  . GLU A 1 21 ? 8.069   -4.708  2.501   1.00 45.24 ? 114 GLU A CG  1 
ATOM   140 C CD  . GLU A 1 21 ? 8.993   -5.574  3.320   1.00 44.71 ? 114 GLU A CD  1 
ATOM   141 O OE1 . GLU A 1 21 ? 10.124  -5.114  3.570   1.00 49.76 ? 114 GLU A OE1 1 
ATOM   142 O OE2 . GLU A 1 21 ? 8.600   -6.700  3.712   1.00 45.24 ? 114 GLU A OE2 1 
ATOM   143 N N   . ILE A 1 22 ? 3.926   -5.598  0.818   1.00 38.26 ? 115 ILE A N   1 
ATOM   144 C CA  . ILE A 1 22 ? 2.585   -6.143  0.810   1.00 36.81 ? 115 ILE A CA  1 
ATOM   145 C C   . ILE A 1 22 ? 2.601   -7.647  0.648   1.00 38.34 ? 115 ILE A C   1 
ATOM   146 O O   . ILE A 1 22 ? 3.548   -8.216  0.111   1.00 39.48 ? 115 ILE A O   1 
ATOM   147 C CB  . ILE A 1 22 ? 1.748   -5.546  -0.310  1.00 37.65 ? 115 ILE A CB  1 
ATOM   148 C CG1 . ILE A 1 22 ? 2.460   -5.740  -1.647  1.00 36.57 ? 115 ILE A CG1 1 
ATOM   149 C CG2 . ILE A 1 22 ? 1.476   -4.074  -0.018  1.00 38.88 ? 115 ILE A CG2 1 
ATOM   150 C CD1 . ILE A 1 22 ? 1.623   -5.356  -2.818  1.00 39.14 ? 115 ILE A CD1 1 
ATOM   151 N N   . GLN A 1 23 ? 1.542   -8.282  1.129   1.00 39.39 ? 116 GLN A N   1 
ATOM   152 C CA  . GLN A 1 23 ? 1.388   -9.723  1.051   1.00 40.09 ? 116 GLN A CA  1 
ATOM   153 C C   . GLN A 1 23 ? -0.038  -10.023 0.628   1.00 41.92 ? 116 GLN A C   1 
ATOM   154 O O   . GLN A 1 23 ? -0.960  -9.247  0.906   1.00 41.09 ? 116 GLN A O   1 
ATOM   155 C CB  . GLN A 1 23 ? 1.671   -10.367 2.406   1.00 39.96 ? 116 GLN A CB  1 
ATOM   156 C CG  . GLN A 1 23 ? 3.142   -10.426 2.785   1.00 36.88 ? 116 GLN A CG  1 
ATOM   157 C CD  . GLN A 1 23 ? 3.359   -11.065 4.143   1.00 38.98 ? 116 GLN A CD  1 
ATOM   158 O OE1 . GLN A 1 23 ? 2.756   -12.090 4.458   1.00 42.89 ? 116 GLN A OE1 1 
ATOM   159 N NE2 . GLN A 1 23 ? 4.229   -10.470 4.949   1.00 35.88 ? 116 GLN A NE2 1 
ATOM   160 N N   . THR A 1 24 ? -0.220  -11.150 -0.046  1.00 44.80 ? 117 THR A N   1 
ATOM   161 C CA  . THR A 1 24 ? -1.545  -11.516 -0.510  1.00 47.98 ? 117 THR A CA  1 
ATOM   162 C C   . THR A 1 24 ? -1.918  -12.946 -0.139  1.00 51.50 ? 117 THR A C   1 
ATOM   163 O O   . THR A 1 24 ? -1.130  -13.882 -0.310  1.00 51.03 ? 117 THR A O   1 
ATOM   164 C CB  . THR A 1 24 ? -1.653  -11.342 -2.037  1.00 47.31 ? 117 THR A CB  1 
ATOM   165 O OG1 . THR A 1 24 ? -1.126  -10.060 -2.414  1.00 44.99 ? 117 THR A OG1 1 
ATOM   166 C CG2 . THR A 1 24 ? -3.119  -11.425 -2.469  1.00 47.10 ? 117 THR A CG2 1 
ATOM   167 N N   . TYR A 1 25 ? -3.127  -13.105 0.386   1.00 56.07 ? 118 TYR A N   1 
ATOM   168 C CA  . TYR A 1 25 ? -3.625  -14.417 0.768   1.00 61.37 ? 118 TYR A CA  1 
ATOM   169 C C   . TYR A 1 25 ? -4.978  -14.703 0.142   1.00 64.19 ? 118 TYR A C   1 
ATOM   170 O O   . TYR A 1 25 ? -5.709  -13.773 -0.226  1.00 64.60 ? 118 TYR A O   1 
ATOM   171 C CB  . TYR A 1 25 ? -3.735  -14.527 2.284   1.00 63.24 ? 118 TYR A CB  1 
ATOM   172 C CG  . TYR A 1 25 ? -2.396  -14.425 2.958   1.00 65.61 ? 118 TYR A CG  1 
ATOM   173 C CD1 . TYR A 1 25 ? -1.766  -13.191 3.116   1.00 66.48 ? 118 TYR A CD1 1 
ATOM   174 C CD2 . TYR A 1 25 ? -1.723  -15.566 3.381   1.00 65.56 ? 118 TYR A CD2 1 
ATOM   175 C CE1 . TYR A 1 25 ? -0.484  -13.101 3.680   1.00 66.70 ? 118 TYR A CE1 1 
ATOM   176 C CE2 . TYR A 1 25 ? -0.448  -15.484 3.944   1.00 66.81 ? 118 TYR A CE2 1 
ATOM   177 C CZ  . TYR A 1 25 ? 0.163   -14.250 4.087   1.00 66.55 ? 118 TYR A CZ  1 
ATOM   178 O OH  . TYR A 1 25 ? 1.428   -14.166 4.615   1.00 67.46 ? 118 TYR A OH  1 
ATOM   179 N N   . GLY A 1 26 ? -5.299  -15.993 0.025   1.00 66.23 ? 119 GLY A N   1 
ATOM   180 C CA  . GLY A 1 26 ? -6.571  -16.408 -0.546  1.00 67.86 ? 119 GLY A CA  1 
ATOM   181 C C   . GLY A 1 26 ? -6.634  -17.902 -0.831  1.00 69.64 ? 119 GLY A C   1 
ATOM   182 O O   . GLY A 1 26 ? -5.892  -18.431 -1.673  1.00 70.84 ? 119 GLY A O   1 
ATOM   183 N N   . VAL A 1 38 ? -6.975  -11.216 -0.717  1.00 49.18 ? 131 VAL A N   1 
ATOM   184 C CA  . VAL A 1 38 ? -6.818  -9.905  -0.100  1.00 47.87 ? 131 VAL A CA  1 
ATOM   185 C C   . VAL A 1 38 ? -5.342  -9.543  -0.003  1.00 49.20 ? 131 VAL A C   1 
ATOM   186 O O   . VAL A 1 38 ? -4.476  -10.412 0.153   1.00 48.77 ? 131 VAL A O   1 
ATOM   187 C CB  . VAL A 1 38 ? -7.445  -9.866  1.314   1.00 47.54 ? 131 VAL A CB  1 
ATOM   188 C CG1 . VAL A 1 38 ? -6.757  -10.867 2.216   1.00 48.23 ? 131 VAL A CG1 1 
ATOM   189 C CG2 . VAL A 1 38 ? -7.338  -8.461  1.901   1.00 45.84 ? 131 VAL A CG2 1 
ATOM   190 N N   . THR A 1 39 ? -5.057  -8.252  -0.094  1.00 48.05 ? 132 THR A N   1 
ATOM   191 C CA  . THR A 1 39 ? -3.688  -7.779  -0.042  1.00 46.90 ? 132 THR A CA  1 
ATOM   192 C C   . THR A 1 39 ? -3.515  -6.715  1.021   1.00 46.79 ? 132 THR A C   1 
ATOM   193 O O   . THR A 1 39 ? -4.254  -5.733  1.047   1.00 47.92 ? 132 THR A O   1 
ATOM   194 C CB  . THR A 1 39 ? -3.289  -7.220  -1.395  1.00 48.06 ? 132 THR A CB  1 
ATOM   195 O OG1 . THR A 1 39 ? -3.151  -8.308  -2.318  1.00 51.08 ? 132 THR A OG1 1 
ATOM   196 C CG2 . THR A 1 39 ? -1.985  -6.430  -1.296  1.00 47.09 ? 132 THR A CG2 1 
ATOM   197 N N   . PHE A 1 40 ? -2.530  -6.902  1.893   1.00 44.84 ? 133 PHE A N   1 
ATOM   198 C CA  . PHE A 1 40 ? -2.306  -5.945  2.962   1.00 43.65 ? 133 PHE A CA  1 
ATOM   199 C C   . PHE A 1 40 ? -0.852  -5.604  3.255   1.00 40.88 ? 133 PHE A C   1 
ATOM   200 O O   . PHE A 1 40 ? 0.066   -6.336  2.895   1.00 38.90 ? 133 PHE A O   1 
ATOM   201 C CB  . PHE A 1 40 ? -2.953  -6.476  4.214   1.00 47.58 ? 133 PHE A CB  1 
ATOM   202 C CG  . PHE A 1 40 ? -2.537  -7.843  4.517   1.00 48.40 ? 133 PHE A CG  1 
ATOM   203 C CD1 . PHE A 1 40 ? -1.295  -8.078  5.070   1.00 49.31 ? 133 PHE A CD1 1 
ATOM   204 C CD2 . PHE A 1 40 ? -3.343  -8.912  4.152   1.00 51.27 ? 133 PHE A CD2 1 
ATOM   205 C CE1 . PHE A 1 40 ? -0.847  -9.361  5.249   1.00 52.07 ? 133 PHE A CE1 1 
ATOM   206 C CE2 . PHE A 1 40 ? -2.914  -10.198 4.324   1.00 50.81 ? 133 PHE A CE2 1 
ATOM   207 C CZ  . PHE A 1 40 ? -1.665  -10.430 4.872   1.00 51.54 ? 133 PHE A CZ  1 
ATOM   208 N N   . VAL A 1 41 ? -0.667  -4.486  3.946   1.00 38.11 ? 134 VAL A N   1 
ATOM   209 C CA  . VAL A 1 41 ? 0.646   -3.982  4.300   1.00 35.97 ? 134 VAL A CA  1 
ATOM   210 C C   . VAL A 1 41 ? 1.329   -4.744  5.428   1.00 34.98 ? 134 VAL A C   1 
ATOM   211 O O   . VAL A 1 41 ? 0.888   -4.721  6.575   1.00 37.33 ? 134 VAL A O   1 
ATOM   212 C CB  . VAL A 1 41 ? 0.555   -2.515  4.693   1.00 33.45 ? 134 VAL A CB  1 
ATOM   213 C CG1 . VAL A 1 41 ? 1.946   -1.924  4.828   1.00 33.26 ? 134 VAL A CG1 1 
ATOM   214 C CG2 . VAL A 1 41 ? -0.249  -1.775  3.673   1.00 32.10 ? 134 VAL A CG2 1 
ATOM   215 N N   . ALA A 1 42 ? 2.420   -5.416  5.098   1.00 34.31 ? 135 ALA A N   1 
ATOM   216 C CA  . ALA A 1 42 ? 3.156   -6.169  6.092   1.00 35.38 ? 135 ALA A CA  1 
ATOM   217 C C   . ALA A 1 42 ? 4.129   -5.254  6.810   1.00 36.63 ? 135 ALA A C   1 
ATOM   218 O O   . ALA A 1 42 ? 4.419   -5.445  7.987   1.00 38.07 ? 135 ALA A O   1 
ATOM   219 C CB  . ALA A 1 42 ? 3.908   -7.301  5.438   1.00 35.21 ? 135 ALA A CB  1 
ATOM   220 N N   . ARG A 1 43 ? 4.618   -4.242  6.108   1.00 37.94 ? 136 ARG A N   1 
ATOM   221 C CA  . ARG A 1 43 ? 5.588   -3.354  6.715   1.00 37.22 ? 136 ARG A CA  1 
ATOM   222 C C   . ARG A 1 43 ? 5.572   -1.965  6.081   1.00 36.50 ? 136 ARG A C   1 
ATOM   223 O O   . ARG A 1 43 ? 5.230   -1.816  4.914   1.00 35.20 ? 136 ARG A O   1 
ATOM   224 C CB  . ARG A 1 43 ? 6.977   -4.004  6.590   1.00 38.44 ? 136 ARG A CB  1 
ATOM   225 C CG  . ARG A 1 43 ? 8.095   -3.227  7.219   1.00 40.63 ? 136 ARG A CG  1 
ATOM   226 C CD  . ARG A 1 43 ? 9.474   -3.879  7.052   1.00 43.41 ? 136 ARG A CD  1 
ATOM   227 N NE  . ARG A 1 43 ? 10.461  -2.973  7.625   1.00 44.98 ? 136 ARG A NE  1 
ATOM   228 C CZ  . ARG A 1 43 ? 11.760  -2.959  7.358   1.00 48.07 ? 136 ARG A CZ  1 
ATOM   229 N NH1 . ARG A 1 43 ? 12.301  -3.828  6.508   1.00 47.17 ? 136 ARG A NH1 1 
ATOM   230 N NH2 . ARG A 1 43 ? 12.518  -2.027  7.923   1.00 47.65 ? 136 ARG A NH2 1 
ATOM   231 N N   . VAL A 1 44 ? 5.909   -0.957  6.881   1.00 34.17 ? 137 VAL A N   1 
ATOM   232 C CA  . VAL A 1 44 ? 5.977   0.438   6.440   1.00 33.21 ? 137 VAL A CA  1 
ATOM   233 C C   . VAL A 1 44 ? 7.263   1.036   7.015   1.00 33.01 ? 137 VAL A C   1 
ATOM   234 O O   . VAL A 1 44 ? 7.394   1.165   8.220   1.00 30.99 ? 137 VAL A O   1 
ATOM   235 C CB  . VAL A 1 44 ? 4.789   1.287   6.965   1.00 33.10 ? 137 VAL A CB  1 
ATOM   236 C CG1 . VAL A 1 44 ? 4.920   2.721   6.478   1.00 27.73 ? 137 VAL A CG1 1 
ATOM   237 C CG2 . VAL A 1 44 ? 3.469   0.695   6.516   1.00 34.96 ? 137 VAL A CG2 1 
ATOM   238 N N   . HIS A 1 45 ? 8.215   1.380   6.153   1.00 36.00 ? 138 HIS A N   1 
ATOM   239 C CA  . HIS A 1 45 ? 9.481   1.958   6.597   1.00 38.56 ? 138 HIS A CA  1 
ATOM   240 C C   . HIS A 1 45 ? 9.291   3.379   7.119   1.00 38.74 ? 138 HIS A C   1 
ATOM   241 O O   . HIS A 1 45 ? 8.528   4.163   6.569   1.00 37.17 ? 138 HIS A O   1 
ATOM   242 C CB  . HIS A 1 45 ? 10.513  1.980   5.461   1.00 38.07 ? 138 HIS A CB  1 
ATOM   243 C CG  . HIS A 1 45 ? 10.921  0.623   4.972   1.00 42.55 ? 138 HIS A CG  1 
ATOM   244 N ND1 . HIS A 1 45 ? 10.120  -0.152  4.163   1.00 46.41 ? 138 HIS A ND1 1 
ATOM   245 C CD2 . HIS A 1 45 ? 12.055  -0.090  5.168   1.00 44.36 ? 138 HIS A CD2 1 
ATOM   246 C CE1 . HIS A 1 45 ? 10.741  -1.282  3.879   1.00 45.54 ? 138 HIS A CE1 1 
ATOM   247 N NE2 . HIS A 1 45 ? 11.918  -1.269  4.477   1.00 46.69 ? 138 HIS A NE2 1 
ATOM   248 N N   . GLU A 1 46 ? 10.009  3.703   8.183   1.00 40.43 ? 139 GLU A N   1 
ATOM   249 C CA  . GLU A 1 46 ? 9.919   5.018   8.785   1.00 41.60 ? 139 GLU A CA  1 
ATOM   250 C C   . GLU A 1 46 ? 10.486  6.105   7.869   1.00 41.20 ? 139 GLU A C   1 
ATOM   251 O O   . GLU A 1 46 ? 11.490  5.901   7.209   1.00 39.91 ? 139 GLU A O   1 
ATOM   252 C CB  . GLU A 1 46 ? 10.655  5.019   10.120  1.00 39.28 ? 139 GLU A CB  1 
ATOM   253 C CG  . GLU A 1 46 ? 10.487  6.305   10.857  1.00 42.50 ? 139 GLU A CG  1 
ATOM   254 C CD  . GLU A 1 46 ? 11.190  6.328   12.186  1.00 42.80 ? 139 GLU A CD  1 
ATOM   255 O OE1 . GLU A 1 46 ? 11.156  7.409   12.805  1.00 43.35 ? 139 GLU A OE1 1 
ATOM   256 O OE2 . GLU A 1 46 ? 11.761  5.291   12.609  1.00 41.99 ? 139 GLU A OE2 1 
ATOM   257 N N   . SER A 1 47 ? 9.816   7.253   7.839   1.00 43.83 ? 140 SER A N   1 
ATOM   258 C CA  . SER A 1 47 ? 10.208  8.407   7.021   1.00 46.74 ? 140 SER A CA  1 
ATOM   259 C C   . SER A 1 47 ? 10.010  8.223   5.515   1.00 45.08 ? 140 SER A C   1 
ATOM   260 O O   . SER A 1 47 ? 10.453  9.054   4.718   1.00 44.80 ? 140 SER A O   1 
ATOM   261 C CB  . SER A 1 47 ? 11.668  8.795   7.295   1.00 50.80 ? 140 SER A CB  1 
ATOM   262 O OG  . SER A 1 47 ? 12.575  7.815   6.801   1.00 54.99 ? 140 SER A OG  1 
ATOM   263 N N   . SER A 1 48 ? 9.344   7.137   5.137   1.00 43.94 ? 141 SER A N   1 
ATOM   264 C CA  . SER A 1 48 ? 9.075   6.839   3.737   1.00 41.15 ? 141 SER A CA  1 
ATOM   265 C C   . SER A 1 48 ? 7.795   7.537   3.335   1.00 41.25 ? 141 SER A C   1 
ATOM   266 O O   . SER A 1 48 ? 6.998   7.924   4.188   1.00 42.59 ? 141 SER A O   1 
ATOM   267 C CB  . SER A 1 48 ? 8.871   5.339   3.542   1.00 42.69 ? 141 SER A CB  1 
ATOM   268 O OG  . SER A 1 48 ? 7.601   4.942   4.040   1.00 40.63 ? 141 SER A OG  1 
ATOM   269 N N   . PRO A 1 49 ? 7.584   7.717   2.027   1.00 41.15 ? 142 PRO A N   1 
ATOM   270 C CA  . PRO A 1 49 ? 6.359   8.376   1.572   1.00 39.73 ? 142 PRO A CA  1 
ATOM   271 C C   . PRO A 1 49 ? 5.145   7.661   2.154   1.00 39.13 ? 142 PRO A C   1 
ATOM   272 O O   . PRO A 1 49 ? 4.140   8.280   2.491   1.00 39.59 ? 142 PRO A O   1 
ATOM   273 C CB  . PRO A 1 49 ? 6.450   8.245   0.060   1.00 40.60 ? 142 PRO A CB  1 
ATOM   274 C CG  . PRO A 1 49 ? 7.940   8.395   -0.186  1.00 38.89 ? 142 PRO A CG  1 
ATOM   275 C CD  . PRO A 1 49 ? 8.551   7.556   0.922   1.00 40.11 ? 142 PRO A CD  1 
ATOM   276 N N   . ALA A 1 50 ? 5.255   6.346   2.284   1.00 38.58 ? 143 ALA A N   1 
ATOM   277 C CA  . ALA A 1 50 ? 4.161   5.562   2.841   1.00 39.31 ? 143 ALA A CA  1 
ATOM   278 C C   . ALA A 1 50 ? 3.846   5.960   4.285   1.00 39.87 ? 143 ALA A C   1 
ATOM   279 O O   . ALA A 1 50 ? 2.695   6.239   4.608   1.00 40.37 ? 143 ALA A O   1 
ATOM   280 C CB  . ALA A 1 50 ? 4.481   4.073   2.761   1.00 36.49 ? 143 ALA A CB  1 
ATOM   281 N N   . GLN A 1 51 ? 4.849   5.995   5.158   1.00 39.41 ? 144 GLN A N   1 
ATOM   282 C CA  . GLN A 1 51 ? 4.555   6.373   6.534   1.00 39.01 ? 144 GLN A CA  1 
ATOM   283 C C   . GLN A 1 51 ? 4.042   7.797   6.615   1.00 37.82 ? 144 GLN A C   1 
ATOM   284 O O   . GLN A 1 51 ? 2.975   8.051   7.167   1.00 39.31 ? 144 GLN A O   1 
ATOM   285 C CB  . GLN A 1 51 ? 5.775   6.266   7.448   1.00 39.69 ? 144 GLN A CB  1 
ATOM   286 C CG  . GLN A 1 51 ? 5.464   6.860   8.834   1.00 41.84 ? 144 GLN A CG  1 
ATOM   287 C CD  . GLN A 1 51 ? 6.671   7.001   9.742   1.00 42.57 ? 144 GLN A CD  1 
ATOM   288 O OE1 . GLN A 1 51 ? 7.705   7.538   9.350   1.00 40.88 ? 144 GLN A OE1 1 
ATOM   289 N NE2 . GLN A 1 51 ? 6.535   6.528   10.971  1.00 42.36 ? 144 GLN A NE2 1 
ATOM   290 N N   . LEU A 1 52 ? 4.810   8.726   6.073   1.00 37.86 ? 145 LEU A N   1 
ATOM   291 C CA  . LEU A 1 52 ? 4.424   10.125  6.115   1.00 37.76 ? 145 LEU A CA  1 
ATOM   292 C C   . LEU A 1 52 ? 3.031   10.324  5.532   1.00 39.98 ? 145 LEU A C   1 
ATOM   293 O O   . LEU A 1 52 ? 2.326   11.258  5.903   1.00 40.91 ? 145 LEU A O   1 
ATOM   294 C CB  . LEU A 1 52 ? 5.463   10.976  5.377   1.00 35.99 ? 145 LEU A CB  1 
ATOM   295 C CG  . LEU A 1 52 ? 6.897   10.823  5.916   1.00 36.33 ? 145 LEU A CG  1 
ATOM   296 C CD1 . LEU A 1 52 ? 7.853   11.608  5.066   1.00 35.96 ? 145 LEU A CD1 1 
ATOM   297 C CD2 . LEU A 1 52 ? 6.974   11.292  7.358   1.00 34.62 ? 145 LEU A CD2 1 
ATOM   298 N N   . ALA A 1 53 ? 2.625   9.424   4.639   1.00 41.12 ? 146 ALA A N   1 
ATOM   299 C CA  . ALA A 1 53 ? 1.319   9.517   4.027   1.00 40.68 ? 146 ALA A CA  1 
ATOM   300 C C   . ALA A 1 53 ? 0.228   9.009   4.961   1.00 41.26 ? 146 ALA A C   1 
ATOM   301 O O   . ALA A 1 53 ? -0.934  9.378   4.817   1.00 42.51 ? 146 ALA A O   1 
ATOM   302 C CB  . ALA A 1 53 ? 1.296   8.737   2.720   1.00 42.32 ? 146 ALA A CB  1 
ATOM   303 N N   . GLY A 1 54 ? 0.599   8.170   5.919   1.00 38.99 ? 147 GLY A N   1 
ATOM   304 C CA  . GLY A 1 54 ? -0.384  7.640   6.845   1.00 38.89 ? 147 GLY A CA  1 
ATOM   305 C C   . GLY A 1 54 ? -0.645  6.145   6.706   1.00 39.15 ? 147 GLY A C   1 
ATOM   306 O O   . GLY A 1 54 ? -1.553  5.606   7.339   1.00 39.58 ? 147 GLY A O   1 
ATOM   307 N N   . LEU A 1 55 ? 0.142   5.469   5.874   1.00 40.01 ? 148 LEU A N   1 
ATOM   308 C CA  . LEU A 1 55 ? -0.028  4.037   5.690   1.00 36.68 ? 148 LEU A CA  1 
ATOM   309 C C   . LEU A 1 55 ? 0.356   3.352   6.996   1.00 38.19 ? 148 LEU A C   1 
ATOM   310 O O   . LEU A 1 55 ? 1.294   3.759   7.684   1.00 33.83 ? 148 LEU A O   1 
ATOM   311 C CB  . LEU A 1 55 ? 0.838   3.520   4.538   1.00 38.13 ? 148 LEU A CB  1 
ATOM   312 C CG  . LEU A 1 55 ? 0.394   2.167   3.963   1.00 39.21 ? 148 LEU A CG  1 
ATOM   313 C CD1 . LEU A 1 55 ? -1.039  2.284   3.453   1.00 38.13 ? 148 LEU A CD1 1 
ATOM   314 C CD2 . LEU A 1 55 ? 1.318   1.720   2.837   1.00 34.36 ? 148 LEU A CD2 1 
ATOM   315 N N   . THR A 1 56 ? -0.374  2.300   7.329   1.00 37.12 ? 149 THR A N   1 
ATOM   316 C CA  . THR A 1 56 ? -0.142  1.599   8.572   1.00 37.03 ? 149 THR A CA  1 
ATOM   317 C C   . THR A 1 56 ? -0.166  0.095   8.388   1.00 37.96 ? 149 THR A C   1 
ATOM   318 O O   . THR A 1 56 ? -0.992  -0.432  7.656   1.00 40.32 ? 149 THR A O   1 
ATOM   319 C CB  . THR A 1 56 ? -1.221  2.014   9.606   1.00 37.95 ? 149 THR A CB  1 
ATOM   320 O OG1 . THR A 1 56 ? -1.027  3.393   9.959   1.00 41.55 ? 149 THR A OG1 1 
ATOM   321 C CG2 . THR A 1 56 ? -1.171  1.136   10.838  1.00 33.68 ? 149 THR A CG2 1 
ATOM   322 N N   . PRO A 1 57 ? 0.775   -0.613  9.020   1.00 35.92 ? 150 PRO A N   1 
ATOM   323 C CA  . PRO A 1 57 ? 0.794   -2.063  8.893   1.00 37.10 ? 150 PRO A CA  1 
ATOM   324 C C   . PRO A 1 57 ? -0.570  -2.535  9.340   1.00 39.09 ? 150 PRO A C   1 
ATOM   325 O O   . PRO A 1 57 ? -1.092  -2.054  10.334  1.00 42.99 ? 150 PRO A O   1 
ATOM   326 C CB  . PRO A 1 57 ? 1.892   -2.466  9.860   1.00 34.88 ? 150 PRO A CB  1 
ATOM   327 C CG  . PRO A 1 57 ? 2.867   -1.359  9.705   1.00 34.97 ? 150 PRO A CG  1 
ATOM   328 C CD  . PRO A 1 57 ? 1.983   -0.134  9.711   1.00 36.48 ? 150 PRO A CD  1 
ATOM   329 N N   . GLY A 1 58 ? -1.167  -3.455  8.602   1.00 40.39 ? 151 GLY A N   1 
ATOM   330 C CA  . GLY A 1 58 ? -2.471  -3.918  8.994   1.00 39.78 ? 151 GLY A CA  1 
ATOM   331 C C   . GLY A 1 58 ? -3.518  -3.428  8.027   1.00 38.69 ? 151 GLY A C   1 
ATOM   332 O O   . GLY A 1 58 ? -4.579  -4.024  7.930   1.00 38.29 ? 151 GLY A O   1 
ATOM   333 N N   . ASP A 1 59 ? -3.230  -2.336  7.328   1.00 36.01 ? 152 ASP A N   1 
ATOM   334 C CA  . ASP A 1 59 ? -4.160  -1.817  6.339   1.00 37.29 ? 152 ASP A CA  1 
ATOM   335 C C   . ASP A 1 59 ? -4.251  -2.815  5.195   1.00 38.50 ? 152 ASP A C   1 
ATOM   336 O O   . ASP A 1 59 ? -3.325  -3.585  4.970   1.00 38.94 ? 152 ASP A O   1 
ATOM   337 C CB  . ASP A 1 59 ? -3.664  -0.506  5.745   1.00 38.63 ? 152 ASP A CB  1 
ATOM   338 C CG  . ASP A 1 59 ? -3.629  0.617   6.737   1.00 38.87 ? 152 ASP A CG  1 
ATOM   339 O OD1 . ASP A 1 59 ? -4.549  0.730   7.564   1.00 41.55 ? 152 ASP A OD1 1 
ATOM   340 O OD2 . ASP A 1 59 ? -2.676  1.407   6.665   1.00 40.65 ? 152 ASP A OD2 1 
ATOM   341 N N   . THR A 1 60 ? -5.367  -2.812  4.475   1.00 40.50 ? 153 THR A N   1 
ATOM   342 C CA  . THR A 1 60 ? -5.517  -3.698  3.325   1.00 42.20 ? 153 THR A CA  1 
ATOM   343 C C   . THR A 1 60 ? -5.701  -2.816  2.100   1.00 43.28 ? 153 THR A C   1 
ATOM   344 O O   . THR A 1 60 ? -6.354  -1.779  2.164   1.00 43.90 ? 153 THR A O   1 
ATOM   345 C CB  . THR A 1 60 ? -6.723  -4.619  3.457   1.00 41.82 ? 153 THR A CB  1 
ATOM   346 O OG1 . THR A 1 60 ? -7.888  -3.831  3.686   1.00 46.20 ? 153 THR A OG1 1 
ATOM   347 C CG2 . THR A 1 60 ? -6.524  -5.581  4.607   1.00 40.36 ? 153 THR A CG2 1 
ATOM   348 N N   . ILE A 1 61 ? -5.102  -3.220  0.987   1.00 43.42 ? 154 ILE A N   1 
ATOM   349 C CA  . ILE A 1 61 ? -5.197  -2.439  -0.231  1.00 43.46 ? 154 ILE A CA  1 
ATOM   350 C C   . ILE A 1 61 ? -6.499  -2.740  -0.959  1.00 44.93 ? 154 ILE A C   1 
ATOM   351 O O   . ILE A 1 61 ? -6.788  -3.895  -1.263  1.00 44.61 ? 154 ILE A O   1 
ATOM   352 C CB  . ILE A 1 61 ? -4.034  -2.760  -1.181  1.00 43.29 ? 154 ILE A CB  1 
ATOM   353 C CG1 . ILE A 1 61 ? -2.690  -2.631  -0.448  1.00 42.86 ? 154 ILE A CG1 1 
ATOM   354 C CG2 . ILE A 1 61 ? -4.097  -1.843  -2.391  1.00 42.14 ? 154 ILE A CG2 1 
ATOM   355 C CD1 . ILE A 1 61 ? -2.281  -1.225  -0.095  1.00 40.12 ? 154 ILE A CD1 1 
ATOM   356 N N   . ALA A 1 62 ? -7.279  -1.701  -1.231  1.00 43.90 ? 155 ALA A N   1 
ATOM   357 C CA  . ALA A 1 62 ? -8.537  -1.870  -1.948  1.00 46.68 ? 155 ALA A CA  1 
ATOM   358 C C   . ALA A 1 62 ? -8.340  -1.407  -3.384  1.00 46.27 ? 155 ALA A C   1 
ATOM   359 O O   . ALA A 1 62 ? -8.615  -2.139  -4.327  1.00 48.72 ? 155 ALA A O   1 
ATOM   360 C CB  . ALA A 1 62 ? -9.648  -1.061  -1.280  1.00 45.81 ? 155 ALA A CB  1 
ATOM   361 N N   . SER A 1 63 ? -7.855  -0.183  -3.546  1.00 46.38 ? 156 SER A N   1 
ATOM   362 C CA  . SER A 1 63 ? -7.622  0.351   -4.873  1.00 47.49 ? 156 SER A CA  1 
ATOM   363 C C   . SER A 1 63 ? -6.203  0.904   -5.022  1.00 47.95 ? 156 SER A C   1 
ATOM   364 O O   . SER A 1 63 ? -5.557  1.272   -4.033  1.00 47.57 ? 156 SER A O   1 
ATOM   365 C CB  . SER A 1 63 ? -8.638  1.455   -5.184  1.00 48.50 ? 156 SER A CB  1 
ATOM   366 O OG  . SER A 1 63 ? -8.296  2.679   -4.557  1.00 49.86 ? 156 SER A OG  1 
ATOM   367 N N   . VAL A 1 64 ? -5.726  0.953   -6.265  1.00 45.45 ? 157 VAL A N   1 
ATOM   368 C CA  . VAL A 1 64 ? -4.402  1.478   -6.575  1.00 44.67 ? 157 VAL A CA  1 
ATOM   369 C C   . VAL A 1 64 ? -4.528  2.412   -7.768  1.00 48.29 ? 157 VAL A C   1 
ATOM   370 O O   . VAL A 1 64 ? -4.840  1.971   -8.876  1.00 49.91 ? 157 VAL A O   1 
ATOM   371 C CB  . VAL A 1 64 ? -3.405  0.355   -6.932  1.00 42.61 ? 157 VAL A CB  1 
ATOM   372 C CG1 . VAL A 1 64 ? -2.077  0.953   -7.338  1.00 39.73 ? 157 VAL A CG1 1 
ATOM   373 C CG2 . VAL A 1 64 ? -3.214  -0.565  -5.751  1.00 40.75 ? 157 VAL A CG2 1 
ATOM   374 N N   . ASN A 1 65 ? -4.283  3.699   -7.546  1.00 49.64 ? 158 ASN A N   1 
ATOM   375 C CA  . ASN A 1 65 ? -4.396  4.690   -8.608  1.00 52.17 ? 158 ASN A CA  1 
ATOM   376 C C   . ASN A 1 65 ? -5.838  4.670   -9.098  1.00 54.30 ? 158 ASN A C   1 
ATOM   377 O O   . ASN A 1 65 ? -6.104  4.862   -10.283 1.00 56.53 ? 158 ASN A O   1 
ATOM   378 C CB  . ASN A 1 65 ? -3.450  4.357   -9.768  1.00 50.98 ? 158 ASN A CB  1 
ATOM   379 C CG  . ASN A 1 65 ? -1.997  4.653   -9.452  1.00 53.24 ? 158 ASN A CG  1 
ATOM   380 O OD1 . ASN A 1 65 ? -1.101  4.207   -10.162 1.00 54.12 ? 158 ASN A OD1 1 
ATOM   381 N ND2 . ASN A 1 65 ? -1.756  5.414   -8.389  1.00 53.66 ? 158 ASN A ND2 1 
ATOM   382 N N   . GLY A 1 66 ? -6.766  4.400   -8.186  1.00 55.42 ? 159 GLY A N   1 
ATOM   383 C CA  . GLY A 1 66 ? -8.166  4.370   -8.557  1.00 56.10 ? 159 GLY A CA  1 
ATOM   384 C C   . GLY A 1 66 ? -8.731  3.022   -8.971  1.00 57.53 ? 159 GLY A C   1 
ATOM   385 O O   . GLY A 1 66 ? -9.951  2.894   -9.098  1.00 57.84 ? 159 GLY A O   1 
ATOM   386 N N   . LEU A 1 67 ? -7.874  2.021   -9.178  1.00 55.89 ? 160 LEU A N   1 
ATOM   387 C CA  . LEU A 1 67 ? -8.329  0.681   -9.588  1.00 54.26 ? 160 LEU A CA  1 
ATOM   388 C C   . LEU A 1 67 ? -8.482  -0.289  -8.408  1.00 54.90 ? 160 LEU A C   1 
ATOM   389 O O   . LEU A 1 67 ? -7.629  -0.311  -7.525  1.00 56.74 ? 160 LEU A O   1 
ATOM   390 C CB  . LEU A 1 67 ? -7.326  0.078   -10.579 1.00 54.07 ? 160 LEU A CB  1 
ATOM   391 C CG  . LEU A 1 67 ? -7.658  -1.265  -11.239 1.00 52.34 ? 160 LEU A CG  1 
ATOM   392 C CD1 . LEU A 1 67 ? -8.631  -1.048  -12.378 1.00 51.90 ? 160 LEU A CD1 1 
ATOM   393 C CD2 . LEU A 1 67 ? -6.391  -1.910  -11.756 1.00 53.68 ? 160 LEU A CD2 1 
ATOM   394 N N   . ASN A 1 68 ? -9.547  -1.094  -8.390  1.00 54.81 ? 161 ASN A N   1 
ATOM   395 C CA  . ASN A 1 68 ? -9.732  -2.078  -7.309  1.00 55.72 ? 161 ASN A CA  1 
ATOM   396 C C   . ASN A 1 68 ? -8.824  -3.266  -7.564  1.00 55.20 ? 161 ASN A C   1 
ATOM   397 O O   . ASN A 1 68 ? -8.608  -3.626  -8.712  1.00 54.09 ? 161 ASN A O   1 
ATOM   398 C CB  . ASN A 1 68 ? -11.176 -2.567  -7.246  1.00 56.27 ? 161 ASN A CB  1 
ATOM   399 C CG  . ASN A 1 68 ? -12.032 -1.740  -6.313  1.00 59.14 ? 161 ASN A CG  1 
ATOM   400 O OD1 . ASN A 1 68 ? -13.190 -2.072  -6.075  1.00 60.18 ? 161 ASN A OD1 1 
ATOM   401 N ND2 . ASN A 1 68 ? -11.468 -0.652  -5.776  1.00 59.24 ? 161 ASN A ND2 1 
ATOM   402 N N   . VAL A 1 69 ? -8.298  -3.887  -6.515  1.00 55.50 ? 162 VAL A N   1 
ATOM   403 C CA  . VAL A 1 69 ? -7.401  -5.019  -6.725  1.00 57.44 ? 162 VAL A CA  1 
ATOM   404 C C   . VAL A 1 69 ? -7.913  -6.376  -6.241  1.00 60.14 ? 162 VAL A C   1 
ATOM   405 O O   . VAL A 1 69 ? -7.272  -7.400  -6.498  1.00 62.24 ? 162 VAL A O   1 
ATOM   406 C CB  . VAL A 1 69 ? -6.007  -4.768  -6.070  1.00 56.59 ? 162 VAL A CB  1 
ATOM   407 C CG1 . VAL A 1 69 ? -5.619  -3.329  -6.227  1.00 54.84 ? 162 VAL A CG1 1 
ATOM   408 C CG2 . VAL A 1 69 ? -6.024  -5.160  -4.605  1.00 55.46 ? 162 VAL A CG2 1 
ATOM   409 N N   . GLU A 1 70 ? -9.054  -6.396  -5.552  1.00 63.03 ? 163 GLU A N   1 
ATOM   410 C CA  . GLU A 1 70 ? -9.614  -7.654  -5.042  1.00 64.56 ? 163 GLU A CA  1 
ATOM   411 C C   . GLU A 1 70 ? -9.510  -8.833  -6.019  1.00 64.26 ? 163 GLU A C   1 
ATOM   412 O O   . GLU A 1 70 ? -9.297  -9.975  -5.589  1.00 65.29 ? 163 GLU A O   1 
ATOM   413 C CB  . GLU A 1 70 ? -11.085 -7.485  -4.648  1.00 67.16 ? 163 GLU A CB  1 
ATOM   414 C CG  . GLU A 1 70 ? -11.668 -8.723  -3.954  1.00 71.48 ? 163 GLU A CG  1 
ATOM   415 C CD  . GLU A 1 70 ? -13.021 -9.179  -4.518  1.00 75.04 ? 163 GLU A CD  1 
ATOM   416 O OE1 . GLU A 1 70 ? -13.046 -9.780  -5.630  1.00 75.45 ? 163 GLU A OE1 1 
ATOM   417 O OE2 . GLU A 1 70 ? -14.057 -8.938  -3.843  1.00 74.96 ? 163 GLU A OE2 1 
ATOM   418 N N   . GLY A 1 71 ? -9.663  -8.569  -7.321  1.00 61.69 ? 164 GLY A N   1 
ATOM   419 C CA  . GLY A 1 71 ? -9.584  -9.642  -8.305  1.00 61.06 ? 164 GLY A CA  1 
ATOM   420 C C   . GLY A 1 71 ? -8.243  -9.852  -9.003  1.00 60.89 ? 164 GLY A C   1 
ATOM   421 O O   . GLY A 1 71 ? -8.114  -10.741 -9.854  1.00 59.31 ? 164 GLY A O   1 
ATOM   422 N N   . ILE A 1 72 ? -7.240  -9.055  -8.642  1.00 59.41 ? 165 ILE A N   1 
ATOM   423 C CA  . ILE A 1 72 ? -5.924  -9.161  -9.268  1.00 57.38 ? 165 ILE A CA  1 
ATOM   424 C C   . ILE A 1 72 ? -4.913  -9.930  -8.428  1.00 56.76 ? 165 ILE A C   1 
ATOM   425 O O   . ILE A 1 72 ? -4.973  -9.933  -7.200  1.00 57.25 ? 165 ILE A O   1 
ATOM   426 C CB  . ILE A 1 72 ? -5.390  -7.772  -9.575  1.00 58.18 ? 165 ILE A CB  1 
ATOM   427 N N   . ARG A 1 73 ? -3.971  -10.577 -9.102  1.00 55.75 ? 166 ARG A N   1 
ATOM   428 C CA  . ARG A 1 73 ? -2.940  -11.349 -8.429  1.00 54.77 ? 166 ARG A CA  1 
ATOM   429 C C   . ARG A 1 73 ? -1.801  -10.435 -7.971  1.00 54.07 ? 166 ARG A C   1 
ATOM   430 O O   . ARG A 1 73 ? -1.566  -9.368  -8.542  1.00 54.58 ? 166 ARG A O   1 
ATOM   431 C CB  . ARG A 1 73 ? -2.415  -12.439 -9.364  1.00 55.92 ? 166 ARG A CB  1 
ATOM   432 N N   . HIS A 1 74 ? -1.108  -10.877 -6.931  1.00 50.89 ? 167 HIS A N   1 
ATOM   433 C CA  . HIS A 1 74 ? -0.006  -10.156 -6.325  1.00 49.71 ? 167 HIS A CA  1 
ATOM   434 C C   . HIS A 1 74 ? 1.010   -9.525  -7.287  1.00 49.88 ? 167 HIS A C   1 
ATOM   435 O O   . HIS A 1 74 ? 1.229   -8.308  -7.263  1.00 49.94 ? 167 HIS A O   1 
ATOM   436 C CB  . HIS A 1 74 ? 0.726   -11.102 -5.370  1.00 47.48 ? 167 HIS A CB  1 
ATOM   437 C CG  . HIS A 1 74 ? 1.738   -10.422 -4.505  1.00 45.52 ? 167 HIS A CG  1 
ATOM   438 N ND1 . HIS A 1 74 ? 1.390   -9.505  -3.537  1.00 43.81 ? 167 HIS A ND1 1 
ATOM   439 C CD2 . HIS A 1 74 ? 3.087   -10.513 -4.473  1.00 43.18 ? 167 HIS A CD2 1 
ATOM   440 C CE1 . HIS A 1 74 ? 2.485   -9.059  -2.948  1.00 45.52 ? 167 HIS A CE1 1 
ATOM   441 N NE2 . HIS A 1 74 ? 3.527   -9.653  -3.499  1.00 41.72 ? 167 HIS A NE2 1 
ATOM   442 N N   . ARG A 1 75 ? 1.637   -10.345 -8.124  1.00 50.32 ? 168 ARG A N   1 
ATOM   443 C CA  . ARG A 1 75 ? 2.651   -9.837  -9.043  1.00 51.52 ? 168 ARG A CA  1 
ATOM   444 C C   . ARG A 1 75 ? 2.100   -8.728  -9.914  1.00 50.10 ? 168 ARG A C   1 
ATOM   445 O O   . ARG A 1 75 ? 2.829   -7.825  -10.309 1.00 51.82 ? 168 ARG A O   1 
ATOM   446 C CB  . ARG A 1 75 ? 3.200   -10.960 -9.926  1.00 55.93 ? 168 ARG A CB  1 
ATOM   447 C CG  . ARG A 1 75 ? 4.553   -10.630 -10.585 1.00 61.32 ? 168 ARG A CG  1 
ATOM   448 C CD  . ARG A 1 75 ? 4.987   -11.710 -11.577 1.00 63.52 ? 168 ARG A CD  1 
ATOM   449 N NE  . ARG A 1 75 ? 6.373   -12.152 -11.390 1.00 67.42 ? 168 ARG A NE  1 
ATOM   450 C CZ  . ARG A 1 75 ? 6.839   -12.745 -10.288 1.00 69.51 ? 168 ARG A CZ  1 
ATOM   451 N NH1 . ARG A 1 75 ? 6.021   -12.968 -9.260  1.00 70.48 ? 168 ARG A NH1 1 
ATOM   452 N NH2 . ARG A 1 75 ? 8.118   -13.122 -10.208 1.00 67.58 ? 168 ARG A NH2 1 
ATOM   453 N N   . GLU A 1 76 ? 0.813   -8.790  -10.211 1.00 48.62 ? 169 GLU A N   1 
ATOM   454 C CA  . GLU A 1 76 ? 0.199   -7.766  -11.032 1.00 50.03 ? 169 GLU A CA  1 
ATOM   455 C C   . GLU A 1 76 ? 0.112   -6.478  -10.230 1.00 48.60 ? 169 GLU A C   1 
ATOM   456 O O   . GLU A 1 76 ? 0.555   -5.418  -10.671 1.00 46.97 ? 169 GLU A O   1 
ATOM   457 C CB  . GLU A 1 76 ? -1.210  -8.189  -11.467 1.00 52.13 ? 169 GLU A CB  1 
ATOM   458 C CG  . GLU A 1 76 ? -1.342  -8.440  -12.960 1.00 55.95 ? 169 GLU A CG  1 
ATOM   459 C CD  . GLU A 1 76 ? -1.639  -9.900  -13.309 1.00 60.38 ? 169 GLU A CD  1 
ATOM   460 O OE1 . GLU A 1 76 ? -2.652  -10.441 -12.806 1.00 61.45 ? 169 GLU A OE1 1 
ATOM   461 O OE2 . GLU A 1 76 ? -0.867  -10.504 -14.098 1.00 61.16 ? 169 GLU A OE2 1 
ATOM   462 N N   . ILE A 1 77 ? -0.468  -6.578  -9.044  1.00 47.83 ? 170 ILE A N   1 
ATOM   463 C CA  . ILE A 1 77 ? -0.608  -5.412  -8.197  1.00 46.43 ? 170 ILE A CA  1 
ATOM   464 C C   . ILE A 1 77 ? 0.747   -4.741  -8.077  1.00 44.84 ? 170 ILE A C   1 
ATOM   465 O O   . ILE A 1 77 ? 0.872   -3.534  -8.287  1.00 44.40 ? 170 ILE A O   1 
ATOM   466 C CB  . ILE A 1 77 ? -1.100  -5.805  -6.814  1.00 49.04 ? 170 ILE A CB  1 
ATOM   467 C CG1 . ILE A 1 77 ? -2.403  -6.600  -6.938  1.00 49.43 ? 170 ILE A CG1 1 
ATOM   468 C CG2 . ILE A 1 77 ? -1.296  -4.561  -5.971  1.00 49.56 ? 170 ILE A CG2 1 
ATOM   469 C CD1 . ILE A 1 77 ? -2.992  -7.039  -5.590  1.00 52.52 ? 170 ILE A CD1 1 
ATOM   470 N N   . VAL A 1 78 ? 1.761   -5.536  -7.753  1.00 42.89 ? 171 VAL A N   1 
ATOM   471 C CA  . VAL A 1 78 ? 3.113   -5.022  -7.625  1.00 44.19 ? 171 VAL A CA  1 
ATOM   472 C C   . VAL A 1 78 ? 3.548   -4.330  -8.912  1.00 46.21 ? 171 VAL A C   1 
ATOM   473 O O   . VAL A 1 78 ? 4.150   -3.248  -8.866  1.00 47.46 ? 171 VAL A O   1 
ATOM   474 C CB  . VAL A 1 78 ? 4.114   -6.153  -7.301  1.00 43.96 ? 171 VAL A CB  1 
ATOM   475 C CG1 . VAL A 1 78 ? 5.523   -5.609  -7.276  1.00 42.84 ? 171 VAL A CG1 1 
ATOM   476 C CG2 . VAL A 1 78 ? 3.777   -6.779  -5.952  1.00 44.99 ? 171 VAL A CG2 1 
ATOM   477 N N   . ASP A 1 79 ? 3.245   -4.945  -10.059 1.00 48.13 ? 172 ASP A N   1 
ATOM   478 C CA  . ASP A 1 79 ? 3.619   -4.365  -11.344 1.00 50.10 ? 172 ASP A CA  1 
ATOM   479 C C   . ASP A 1 79 ? 2.983   -2.990  -11.531 1.00 49.55 ? 172 ASP A C   1 
ATOM   480 O O   . ASP A 1 79 ? 3.655   -2.033  -11.933 1.00 49.16 ? 172 ASP A O   1 
ATOM   481 C CB  . ASP A 1 79 ? 3.227   -5.294  -12.501 1.00 51.11 ? 172 ASP A CB  1 
ATOM   482 C CG  . ASP A 1 79 ? 4.155   -6.495  -12.623 1.00 53.68 ? 172 ASP A CG  1 
ATOM   483 O OD1 . ASP A 1 79 ? 5.357   -6.337  -12.310 1.00 55.75 ? 172 ASP A OD1 1 
ATOM   484 O OD2 . ASP A 1 79 ? 3.693   -7.586  -13.035 1.00 55.38 ? 172 ASP A OD2 1 
ATOM   485 N N   . ILE A 1 80 ? 1.693   -2.884  -11.232 1.00 48.01 ? 173 ILE A N   1 
ATOM   486 C CA  . ILE A 1 80 ? 1.005   -1.606  -11.365 1.00 48.21 ? 173 ILE A CA  1 
ATOM   487 C C   . ILE A 1 80 ? 1.706   -0.521  -10.541 1.00 47.16 ? 173 ILE A C   1 
ATOM   488 O O   . ILE A 1 80 ? 1.950   0.583   -11.023 1.00 50.06 ? 173 ILE A O   1 
ATOM   489 C CB  . ILE A 1 80 ? -0.442  -1.710  -10.889 1.00 46.79 ? 173 ILE A CB  1 
ATOM   490 C CG1 . ILE A 1 80 ? -1.185  -2.733  -11.738 1.00 45.97 ? 173 ILE A CG1 1 
ATOM   491 C CG2 . ILE A 1 80 ? -1.110  -0.335  -10.948 1.00 47.18 ? 173 ILE A CG2 1 
ATOM   492 C CD1 . ILE A 1 80 ? -2.596  -3.012  -11.251 1.00 48.28 ? 173 ILE A CD1 1 
ATOM   493 N N   . ILE A 1 81 ? 2.038   -0.851  -9.303  1.00 46.32 ? 174 ILE A N   1 
ATOM   494 C CA  . ILE A 1 81 ? 2.705   0.091   -8.419  1.00 46.57 ? 174 ILE A CA  1 
ATOM   495 C C   . ILE A 1 81 ? 4.094   0.469   -8.935  1.00 46.31 ? 174 ILE A C   1 
ATOM   496 O O   . ILE A 1 81 ? 4.509   1.622   -8.834  1.00 45.81 ? 174 ILE A O   1 
ATOM   497 C CB  . ILE A 1 81 ? 2.807   -0.486  -6.984  1.00 45.43 ? 174 ILE A CB  1 
ATOM   498 C CG1 . ILE A 1 81 ? 1.396   -0.789  -6.462  1.00 47.31 ? 174 ILE A CG1 1 
ATOM   499 C CG2 . ILE A 1 81 ? 3.507   0.498   -6.071  1.00 42.80 ? 174 ILE A CG2 1 
ATOM   500 C CD1 . ILE A 1 81 ? 1.339   -1.414  -5.082  1.00 46.77 ? 174 ILE A CD1 1 
ATOM   501 N N   . LYS A 1 82 ? 4.812   -0.498  -9.491  1.00 46.67 ? 175 LYS A N   1 
ATOM   502 C CA  . LYS A 1 82 ? 6.135   -0.213  -10.025 1.00 48.17 ? 175 LYS A CA  1 
ATOM   503 C C   . LYS A 1 82 ? 6.050   0.704   -11.237 1.00 48.60 ? 175 LYS A C   1 
ATOM   504 O O   . LYS A 1 82 ? 6.973   1.460   -11.514 1.00 50.59 ? 175 LYS A O   1 
ATOM   505 C CB  . LYS A 1 82 ? 6.850   -1.506  -10.421 1.00 49.05 ? 175 LYS A CB  1 
ATOM   506 C CG  . LYS A 1 82 ? 7.222   -2.378  -9.250  1.00 50.38 ? 175 LYS A CG  1 
ATOM   507 C CD  . LYS A 1 82 ? 7.919   -3.629  -9.717  1.00 52.09 ? 175 LYS A CD  1 
ATOM   508 C CE  . LYS A 1 82 ? 8.310   -4.499  -8.538  1.00 54.06 ? 175 LYS A CE  1 
ATOM   509 N NZ  . LYS A 1 82 ? 9.310   -3.814  -7.667  1.00 53.89 ? 175 LYS A NZ  1 
ATOM   510 N N   . ALA A 1 83 ? 4.934   0.648   -11.951 1.00 48.40 ? 176 ALA A N   1 
ATOM   511 C CA  . ALA A 1 83 ? 4.768   1.482   -13.130 1.00 50.65 ? 176 ALA A CA  1 
ATOM   512 C C   . ALA A 1 83 ? 4.022   2.785   -12.850 1.00 51.25 ? 176 ALA A C   1 
ATOM   513 O O   . ALA A 1 83 ? 3.687   3.509   -13.777 1.00 50.60 ? 176 ALA A O   1 
ATOM   514 C CB  . ALA A 1 83 ? 4.046   0.699   -14.218 1.00 50.61 ? 176 ALA A CB  1 
ATOM   515 N N   . SER A 1 84 ? 3.771   3.096   -11.583 1.00 50.86 ? 177 SER A N   1 
ATOM   516 C CA  . SER A 1 84 ? 3.038   4.312   -11.260 1.00 52.64 ? 177 SER A CA  1 
ATOM   517 C C   . SER A 1 84 ? 3.897   5.556   -11.117 1.00 54.13 ? 177 SER A C   1 
ATOM   518 O O   . SER A 1 84 ? 3.422   6.594   -10.645 1.00 57.86 ? 177 SER A O   1 
ATOM   519 C CB  . SER A 1 84 ? 2.217   4.115   -9.983  1.00 52.84 ? 177 SER A CB  1 
ATOM   520 O OG  . SER A 1 84 ? 1.488   5.284   -9.665  1.00 52.13 ? 177 SER A OG  1 
ATOM   521 N N   . GLY A 1 85 ? 5.150   5.476   -11.544 1.00 53.23 ? 178 GLY A N   1 
ATOM   522 C CA  . GLY A 1 85 ? 6.019   6.632   -11.424 1.00 53.93 ? 178 GLY A CA  1 
ATOM   523 C C   . GLY A 1 85 ? 6.341   6.925   -9.969  1.00 54.05 ? 178 GLY A C   1 
ATOM   524 O O   . GLY A 1 85 ? 6.420   6.001   -9.159  1.00 54.44 ? 178 GLY A O   1 
ATOM   525 N N   . ASN A 1 86 ? 6.519   8.200   -9.629  1.00 52.76 ? 179 ASN A N   1 
ATOM   526 C CA  . ASN A 1 86 ? 6.836   8.591   -8.259  1.00 53.74 ? 179 ASN A CA  1 
ATOM   527 C C   . ASN A 1 86 ? 5.620   9.008   -7.437  1.00 53.24 ? 179 ASN A C   1 
ATOM   528 O O   . ASN A 1 86 ? 5.745   9.278   -6.236  1.00 55.10 ? 179 ASN A O   1 
ATOM   529 C CB  . ASN A 1 86 ? 7.870   9.726   -8.235  1.00 54.23 ? 179 ASN A CB  1 
ATOM   530 C CG  . ASN A 1 86 ? 9.198   9.326   -8.850  1.00 54.73 ? 179 ASN A CG  1 
ATOM   531 O OD1 . ASN A 1 86 ? 9.754   8.272   -8.532  1.00 55.35 ? 179 ASN A OD1 1 
ATOM   532 N ND2 . ASN A 1 86 ? 9.719   10.172  -9.729  1.00 55.09 ? 179 ASN A ND2 1 
ATOM   533 N N   . VAL A 1 87 ? 4.453   9.087   -8.073  1.00 51.34 ? 180 VAL A N   1 
ATOM   534 C CA  . VAL A 1 87 ? 3.239   9.445   -7.344  1.00 51.36 ? 180 VAL A CA  1 
ATOM   535 C C   . VAL A 1 87 ? 2.419   8.176   -7.236  1.00 51.56 ? 180 VAL A C   1 
ATOM   536 O O   . VAL A 1 87 ? 2.511   7.298   -8.098  1.00 53.58 ? 180 VAL A O   1 
ATOM   537 C CB  . VAL A 1 87 ? 2.393   10.513  -8.076  1.00 52.10 ? 180 VAL A CB  1 
ATOM   538 C CG1 . VAL A 1 87 ? 1.072   10.743  -7.328  1.00 49.90 ? 180 VAL A CG1 1 
ATOM   539 C CG2 . VAL A 1 87 ? 3.172   11.816  -8.172  1.00 51.57 ? 180 VAL A CG2 1 
ATOM   540 N N   . LEU A 1 88 ? 1.615   8.069   -6.185  1.00 50.50 ? 181 LEU A N   1 
ATOM   541 C CA  . LEU A 1 88 ? 0.812   6.873   -6.005  1.00 49.56 ? 181 LEU A CA  1 
ATOM   542 C C   . LEU A 1 88 ? -0.433  7.152   -5.182  1.00 51.39 ? 181 LEU A C   1 
ATOM   543 O O   . LEU A 1 88 ? -0.356  7.652   -4.061  1.00 52.27 ? 181 LEU A O   1 
ATOM   544 C CB  . LEU A 1 88 ? 1.644   5.796   -5.316  1.00 47.85 ? 181 LEU A CB  1 
ATOM   545 C CG  . LEU A 1 88 ? 0.926   4.465   -5.174  1.00 46.40 ? 181 LEU A CG  1 
ATOM   546 C CD1 . LEU A 1 88 ? 0.928   3.780   -6.531  1.00 47.46 ? 181 LEU A CD1 1 
ATOM   547 C CD2 . LEU A 1 88 ? 1.617   3.598   -4.131  1.00 46.39 ? 181 LEU A CD2 1 
ATOM   548 N N   . ARG A 1 89 ? -1.586  6.820   -5.742  1.00 51.69 ? 182 ARG A N   1 
ATOM   549 C CA  . ARG A 1 89 ? -2.835  7.046   -5.054  1.00 50.93 ? 182 ARG A CA  1 
ATOM   550 C C   . ARG A 1 89 ? -3.371  5.703   -4.624  1.00 49.67 ? 182 ARG A C   1 
ATOM   551 O O   . ARG A 1 89 ? -3.568  4.817   -5.439  1.00 51.01 ? 182 ARG A O   1 
ATOM   552 C CB  . ARG A 1 89 ? -3.805  7.778   -5.985  1.00 51.64 ? 182 ARG A CB  1 
ATOM   553 C CG  . ARG A 1 89 ? -3.293  9.183   -6.342  1.00 57.06 ? 182 ARG A CG  1 
ATOM   554 C CD  . ARG A 1 89 ? -4.057  9.875   -7.483  1.00 59.42 ? 182 ARG A CD  1 
ATOM   555 N NE  . ARG A 1 89 ? -3.726  9.304   -8.786  1.00 61.89 ? 182 ARG A NE  1 
ATOM   556 C CZ  . ARG A 1 89 ? -4.565  8.587   -9.537  1.00 63.28 ? 182 ARG A CZ  1 
ATOM   557 N NH1 . ARG A 1 89 ? -5.808  8.350   -9.121  1.00 62.41 ? 182 ARG A NH1 1 
ATOM   558 N NH2 . ARG A 1 89 ? -4.151  8.090   -10.699 1.00 60.92 ? 182 ARG A NH2 1 
ATOM   559 N N   . LEU A 1 90 ? -3.583  5.549   -3.327  1.00 48.70 ? 183 LEU A N   1 
ATOM   560 C CA  . LEU A 1 90 ? -4.080  4.300   -2.791  1.00 47.33 ? 183 LEU A CA  1 
ATOM   561 C C   . LEU A 1 90 ? -5.327  4.498   -1.968  1.00 47.27 ? 183 LEU A C   1 
ATOM   562 O O   . LEU A 1 90 ? -5.667  5.609   -1.573  1.00 49.76 ? 183 LEU A O   1 
ATOM   563 C CB  . LEU A 1 90 ? -3.033  3.652   -1.890  1.00 46.53 ? 183 LEU A CB  1 
ATOM   564 C CG  . LEU A 1 90 ? -1.678  3.219   -2.439  1.00 46.88 ? 183 LEU A CG  1 
ATOM   565 C CD1 . LEU A 1 90 ? -0.828  2.670   -1.300  1.00 47.31 ? 183 LEU A CD1 1 
ATOM   566 C CD2 . LEU A 1 90 ? -1.872  2.167   -3.509  1.00 48.01 ? 183 LEU A CD2 1 
ATOM   567 N N   . GLU A 1 91 ? -6.002  3.396   -1.706  1.00 46.21 ? 184 GLU A N   1 
ATOM   568 C CA  . GLU A 1 91 ? -7.182  3.402   -0.888  1.00 47.79 ? 184 GLU A CA  1 
ATOM   569 C C   . GLU A 1 91 ? -7.093  2.139   -0.081  1.00 47.45 ? 184 GLU A C   1 
ATOM   570 O O   . GLU A 1 91 ? -6.990  1.051   -0.639  1.00 48.28 ? 184 GLU A O   1 
ATOM   571 C CB  . GLU A 1 91 ? -8.435  3.420   -1.744  1.00 48.83 ? 184 GLU A CB  1 
ATOM   572 C CG  . GLU A 1 91 ? -8.633  4.773   -2.388  1.00 53.94 ? 184 GLU A CG  1 
ATOM   573 C CD  . GLU A 1 91 ? -9.925  4.885   -3.156  1.00 57.30 ? 184 GLU A CD  1 
ATOM   574 O OE1 . GLU A 1 91 ? -10.998 4.524   -2.605  1.00 58.09 ? 184 GLU A OE1 1 
ATOM   575 O OE2 . GLU A 1 91 ? -9.856  5.352   -4.314  1.00 58.81 ? 184 GLU A OE2 1 
ATOM   576 N N   . THR A 1 92 ? -7.101  2.287   1.237   1.00 48.00 ? 185 THR A N   1 
ATOM   577 C CA  . THR A 1 92 ? -7.000  1.131   2.105   1.00 49.74 ? 185 THR A CA  1 
ATOM   578 C C   . THR A 1 92 ? -8.151  1.117   3.077   1.00 51.26 ? 185 THR A C   1 
ATOM   579 O O   . THR A 1 92 ? -8.840  2.122   3.263   1.00 52.69 ? 185 THR A O   1 
ATOM   580 C CB  . THR A 1 92 ? -5.646  1.128   2.874   1.00 50.82 ? 185 THR A CB  1 
ATOM   581 O OG1 . THR A 1 92 ? -5.624  2.181   3.852   1.00 50.55 ? 185 THR A OG1 1 
ATOM   582 C CG2 . THR A 1 92 ? -4.504  1.354   1.900   1.00 47.86 ? 185 THR A CG2 1 
ATOM   583 N N   . LEU A 1 93 ? -8.356  -0.043  3.684   1.00 53.62 ? 186 LEU A N   1 
ATOM   584 C CA  . LEU A 1 93 ? -9.416  -0.270  4.657   1.00 55.54 ? 186 LEU A CA  1 
ATOM   585 C C   . LEU A 1 93 ? -8.735  -0.943  5.835   1.00 58.05 ? 186 LEU A C   1 
ATOM   586 O O   . LEU A 1 93 ? -7.897  -1.833  5.631   1.00 59.06 ? 186 LEU A O   1 
ATOM   587 C CB  . LEU A 1 93 ? -10.452 -1.228  4.079   1.00 55.13 ? 186 LEU A CB  1 
ATOM   588 C CG  . LEU A 1 93 ? -11.295 -0.707  2.922   1.00 56.87 ? 186 LEU A CG  1 
ATOM   589 C CD1 . LEU A 1 93 ? -11.677 -1.834  1.968   1.00 55.06 ? 186 LEU A CD1 1 
ATOM   590 C CD2 . LEU A 1 93 ? -12.518 -0.041  3.503   1.00 57.21 ? 186 LEU A CD2 1 
ATOM   591 N N   . TYR A 1 94 ? -9.078  -0.541  7.056   1.00 59.08 ? 187 TYR A N   1 
ATOM   592 C CA  . TYR A 1 94 ? -8.451  -1.163  8.212   1.00 60.58 ? 187 TYR A CA  1 
ATOM   593 C C   . TYR A 1 94 ? -8.569  -2.674  8.063   1.00 61.04 ? 187 TYR A C   1 
ATOM   594 O O   . TYR A 1 94 ? -9.668  -3.217  7.914   1.00 61.49 ? 187 TYR A O   1 
ATOM   595 C CB  . TYR A 1 94 ? -9.114  -0.724  9.520   1.00 61.91 ? 187 TYR A CB  1 
ATOM   596 C CG  . TYR A 1 94 ? -8.570  -1.465  10.725  1.00 66.15 ? 187 TYR A CG  1 
ATOM   597 C CD1 . TYR A 1 94 ? -7.246  -1.290  11.142  1.00 67.43 ? 187 TYR A CD1 1 
ATOM   598 C CD2 . TYR A 1 94 ? -9.360  -2.388  11.417  1.00 66.98 ? 187 TYR A CD2 1 
ATOM   599 C CE1 . TYR A 1 94 ? -6.723  -2.025  12.219  1.00 67.87 ? 187 TYR A CE1 1 
ATOM   600 C CE2 . TYR A 1 94 ? -8.849  -3.126  12.490  1.00 66.83 ? 187 TYR A CE2 1 
ATOM   601 C CZ  . TYR A 1 94 ? -7.534  -2.942  12.885  1.00 67.07 ? 187 TYR A CZ  1 
ATOM   602 O OH  . TYR A 1 94 ? -7.031  -3.687  13.935  1.00 66.70 ? 187 TYR A OH  1 
ATOM   603 N N   . GLY A 1 95 ? -7.430  -3.349  8.062   1.00 59.87 ? 188 GLY A N   1 
ATOM   604 C CA  . GLY A 1 95 ? -7.460  -4.787  7.946   1.00 60.74 ? 188 GLY A CA  1 
ATOM   605 C C   . GLY A 1 95 ? -7.550  -5.311  9.360   1.00 62.65 ? 188 GLY A C   1 
ATOM   606 O O   . GLY A 1 95 ? -8.639  -5.514  9.908   1.00 63.63 ? 188 GLY A O   1 
ATOM   607 N N   . THR A 1 96 ? -6.382  -5.493  9.959   1.00 62.08 ? 189 THR A N   1 
ATOM   608 C CA  . THR A 1 96 ? -6.263  -5.992  11.310  1.00 61.51 ? 189 THR A CA  1 
ATOM   609 C C   . THR A 1 96 ? -5.122  -5.238  11.984  1.00 60.73 ? 189 THR A C   1 
ATOM   610 O O   . THR A 1 96 ? -4.648  -4.203  11.487  1.00 61.23 ? 189 THR A O   1 
ATOM   611 C CB  . THR A 1 96 ? -5.904  -7.494  11.303  1.00 61.33 ? 189 THR A CB  1 
ATOM   612 O OG1 . THR A 1 96 ? -5.748  -7.961  12.646  1.00 60.79 ? 189 THR A OG1 1 
ATOM   613 C CG2 . THR A 1 96 ? -4.589  -7.718  10.548  1.00 60.41 ? 189 THR A CG2 1 
ATOM   614 N N   . SER B 2 1  ? -4.674  -5.771  13.115  1.00 58.72 ? 190 SER B N   1 
ATOM   615 C CA  . SER B 2 1  ? -3.571  -5.172  13.830  1.00 57.32 ? 190 SER B CA  1 
ATOM   616 C C   . SER B 2 1  ? -2.368  -6.088  13.854  1.00 54.86 ? 190 SER B C   1 
ATOM   617 O O   . SER B 2 1  ? -2.492  -7.317  13.938  1.00 53.61 ? 190 SER B O   1 
ATOM   618 C CB  . SER B 2 1  ? -3.948  -4.850  15.259  1.00 60.20 ? 190 SER B CB  1 
ATOM   619 O OG  . SER B 2 1  ? -2.842  -4.213  15.880  1.00 64.39 ? 190 SER B OG  1 
ATOM   620 N N   . SER B 2 2  ? -1.197  -5.467  13.791  1.00 53.00 ? 191 SER B N   1 
ATOM   621 C CA  . SER B 2 2  ? 0.062   -6.183  13.798  1.00 49.26 ? 191 SER B CA  1 
ATOM   622 C C   . SER B 2 2  ? 0.575   -6.204  15.238  1.00 48.06 ? 191 SER B C   1 
ATOM   623 O O   . SER B 2 2  ? 0.499   -5.192  15.935  1.00 48.85 ? 191 SER B O   1 
ATOM   624 C CB  . SER B 2 2  ? 1.045   -5.466  12.879  1.00 48.55 ? 191 SER B CB  1 
ATOM   625 O OG  . SER B 2 2  ? 2.012   -6.362  12.361  1.00 51.73 ? 191 SER B OG  1 
ATOM   626 N N   . SER B 2 3  ? 1.069   -7.361  15.681  1.00 43.73 ? 192 SER B N   1 
ATOM   627 C CA  . SER B 2 3  ? 1.594   -7.534  17.036  1.00 42.23 ? 192 SER B CA  1 
ATOM   628 C C   . SER B 2 3  ? 3.063   -7.917  17.015  1.00 40.95 ? 192 SER B C   1 
ATOM   629 O O   . SER B 2 3  ? 3.469   -8.848  16.316  1.00 39.72 ? 192 SER B O   1 
ATOM   630 C CB  . SER B 2 3  ? 0.824   -8.628  17.795  1.00 42.04 ? 192 SER B CB  1 
ATOM   631 O OG  . SER B 2 3  ? -0.532  -8.286  17.979  1.00 42.85 ? 192 SER B OG  1 
ATOM   632 N N   . SER B 2 4  ? 3.848   -7.211  17.814  1.00 40.27 ? 193 SER B N   1 
ATOM   633 C CA  . SER B 2 4  ? 5.279   -7.453  17.912  1.00 42.20 ? 193 SER B CA  1 
ATOM   634 C C   . SER B 2 4  ? 5.518   -8.538  18.971  1.00 41.24 ? 193 SER B C   1 
ATOM   635 O O   . SER B 2 4  ? 4.855   -8.545  19.997  1.00 43.29 ? 193 SER B O   1 
ATOM   636 C CB  . SER B 2 4  ? 5.973   -6.144  18.302  1.00 41.55 ? 193 SER B CB  1 
ATOM   637 O OG  . SER B 2 4  ? 7.349   -6.169  17.989  1.00 48.06 ? 193 SER B OG  1 
ATOM   638 N N   . LEU B 2 5  ? 6.449   -9.457  18.721  1.00 40.87 ? 194 LEU B N   1 
ATOM   639 C CA  . LEU B 2 5  ? 6.733   -10.529 19.675  1.00 41.87 ? 194 LEU B CA  1 
ATOM   640 C C   . LEU B 2 5  ? 8.217   -10.807 19.867  1.00 43.80 ? 194 LEU B C   1 
ATOM   641 O O   . LEU B 2 5  ? 9.033   -10.273 19.089  1.00 43.69 ? 194 LEU B O   1 
ATOM   642 C CB  . LEU B 2 5  ? 6.043   -11.821 19.237  1.00 41.29 ? 194 LEU B CB  1 
ATOM   643 C CG  . LEU B 2 5  ? 4.526   -11.792 19.079  1.00 40.75 ? 194 LEU B CG  1 
ATOM   644 C CD1 . LEU B 2 5  ? 4.063   -13.031 18.344  1.00 40.94 ? 194 LEU B CD1 1 
ATOM   645 C CD2 . LEU B 2 5  ? 3.879   -11.706 20.447  1.00 42.50 ? 194 LEU B CD2 1 
ATOM   646 O OXT . LEU B 2 5  ? 8.546   -11.583 20.797  1.00 45.96 ? 194 LEU B OXT 1 
HETATM 647 O O   . HOH C 3 .  ? 6.436   -1.427  9.654   1.00 35.53 ? 1   HOH A O   1 
HETATM 648 O O   . HOH C 3 .  ? -5.791  -8.183  -3.384  1.00 51.34 ? 8   HOH A O   1 
HETATM 649 O O   . HOH C 3 .  ? 3.789   6.156   11.237  1.00 41.09 ? 9   HOH A O   1 
HETATM 650 O O   . HOH C 3 .  ? -6.887  -6.492  -0.972  1.00 56.60 ? 11  HOH A O   1 
HETATM 651 O O   . HOH C 3 .  ? 13.042  2.667   14.160  1.00 60.53 ? 12  HOH A O   1 
HETATM 652 O O   . HOH C 3 .  ? 8.406   -7.744  6.076   1.00 58.66 ? 14  HOH A O   1 
HETATM 653 O O   . HOH C 3 .  ? -3.852  -1.468  10.956  1.00 59.47 ? 15  HOH A O   1 
HETATM 654 O O   . HOH D 3 .  ? 9.252   -8.141  17.126  1.00 43.24 ? 3   HOH B O   1 
HETATM 655 O O   . HOH D 3 .  ? 7.166   -11.343 23.233  1.00 47.30 ? 6   HOH B O   1 
HETATM 656 O O   . HOH D 3 .  ? -3.695  -9.583  13.517  1.00 64.12 ? 10  HOH B O   1 
# 
